data_7O0E
#
_entry.id   7O0E
#
_cell.length_a   89.604
_cell.length_b   41.001
_cell.length_c   107.786
_cell.angle_alpha   90.000
_cell.angle_beta   91.980
_cell.angle_gamma   90.000
#
_symmetry.space_group_name_H-M   'P 1 21 1'
#
loop_
_entity.id
_entity.type
_entity.pdbx_description
1 polymer 'GH30 family xylanase'
2 branched alpha-D-mannopyranose-(1-3)-beta-D-mannopyranose-(1-4)-2-acetamido-2-deoxy-beta-D-glucopyranose-(1-4)-2-acetamido-2-deoxy-beta-D-glucopyranose
3 branched '4-O-methyl-alpha-D-glucopyranuronic acid-(1-2)-beta-D-xylopyranose-(1-4)-beta-D-xylopyranose'
4 non-polymer GLYCINE
5 non-polymer 1,2-ETHANEDIOL
6 non-polymer DI(HYDROXYETHYL)ETHER
7 water water
#
_entity_poly.entity_id   1
_entity_poly.type   'polypeptide(L)'
_entity_poly.pdbx_seq_one_letter_code
;AGTTLTVDLSTTYQRIDGFGTSEAFQRAVQMSRLPEEGQRRALDVLFSTTNGAGLSILRNGIGSSPDMSSDHMVSIAPKS
PGSPNNPLIYSWDGSDNKQLWVSQEAVHTYGVKTIYADAWSAPGYMKTNGNDANGGTLCGLSGAQCASGDWRQAYADYLT
KYVEFYQESNVTVTHLGFINAPELTTSYASMRFSASQAAEFIRILYPTIQKSNLTYKPTIACCDAEGWNSQAGMLGALSS
VNSMFGLVTAHAYTSQPGFSMNTPHPVWMTEAADLQGAWTSAWYSYGGAGEGWTWANNVYNAIVNGNASAYLYWIGAQTG
NTNSHMVHIDANAGTVEPSKRLWALGQWSRFVRPGARRVAVSGASGSLRTAAFRNEDGSVAVVVINSGGDAAVNVRLASS
SSADQQPASAKAWATDNSRAIEEIQASFADGVATVNVPSRSMTTVVLYPAAD
;
_entity_poly.pdbx_strand_id   G,A
#
# COMPACT_ATOMS: atom_id res chain seq x y z
N ALA A 1 6.15 -21.70 -39.03
CA ALA A 1 7.13 -21.10 -38.07
C ALA A 1 6.38 -20.63 -36.81
N GLY A 2 5.61 -21.54 -36.20
CA GLY A 2 4.56 -21.22 -35.22
C GLY A 2 3.32 -20.60 -35.87
N THR A 3 2.28 -20.32 -35.09
CA THR A 3 1.13 -19.53 -35.55
C THR A 3 1.43 -18.07 -35.23
N THR A 4 1.20 -17.17 -36.17
CA THR A 4 1.43 -15.73 -35.99
C THR A 4 0.09 -15.05 -35.74
N LEU A 5 -0.03 -14.36 -34.62
CA LEU A 5 -1.16 -13.45 -34.33
C LEU A 5 -0.70 -12.03 -34.63
N THR A 6 -1.40 -11.34 -35.51
CA THR A 6 -1.05 -9.96 -35.91
C THR A 6 -2.12 -9.02 -35.36
N VAL A 7 -1.71 -8.10 -34.49
CA VAL A 7 -2.65 -7.11 -33.89
C VAL A 7 -2.75 -5.93 -34.85
N ASP A 8 -3.96 -5.59 -35.31
CA ASP A 8 -4.17 -4.38 -36.15
C ASP A 8 -4.67 -3.26 -35.24
N LEU A 9 -3.78 -2.37 -34.80
CA LEU A 9 -4.12 -1.25 -33.89
C LEU A 9 -5.08 -0.23 -34.55
N SER A 10 -5.20 -0.22 -35.88
N SER A 10 -5.20 -0.22 -35.88
CA SER A 10 -6.01 0.77 -36.65
CA SER A 10 -5.99 0.77 -36.63
C SER A 10 -7.46 0.31 -36.75
C SER A 10 -7.46 0.34 -36.70
N THR A 11 -7.78 -0.90 -36.31
CA THR A 11 -9.19 -1.40 -36.24
C THR A 11 -9.59 -1.56 -34.77
N THR A 12 -10.48 -0.71 -34.26
CA THR A 12 -10.80 -0.62 -32.80
C THR A 12 -12.27 -0.96 -32.61
N TYR A 13 -12.63 -1.50 -31.44
CA TYR A 13 -14.02 -1.84 -31.04
C TYR A 13 -14.34 -1.09 -29.74
N GLN A 14 -14.88 -1.77 -28.74
CA GLN A 14 -15.37 -1.15 -27.48
C GLN A 14 -14.19 -0.86 -26.54
N ARG A 15 -14.35 0.15 -25.71
CA ARG A 15 -13.53 0.42 -24.50
C ARG A 15 -13.79 -0.69 -23.47
N ILE A 16 -12.78 -1.06 -22.70
CA ILE A 16 -12.91 -1.95 -21.52
C ILE A 16 -12.82 -1.09 -20.25
N ASP A 17 -13.90 -1.05 -19.47
CA ASP A 17 -13.94 -0.35 -18.16
C ASP A 17 -13.30 -1.22 -17.07
N GLY A 18 -13.42 -2.54 -17.17
CA GLY A 18 -12.65 -3.44 -16.32
C GLY A 18 -13.42 -4.69 -15.97
N PHE A 19 -13.04 -5.28 -14.83
CA PHE A 19 -13.45 -6.62 -14.37
C PHE A 19 -13.65 -6.57 -12.86
N GLY A 20 -14.62 -7.31 -12.32
CA GLY A 20 -14.86 -7.18 -10.88
C GLY A 20 -15.90 -8.11 -10.32
N THR A 21 -16.40 -7.74 -9.15
CA THR A 21 -17.31 -8.57 -8.35
C THR A 21 -17.92 -7.72 -7.24
N SER A 22 -18.72 -8.36 -6.40
CA SER A 22 -19.44 -7.73 -5.26
C SER A 22 -19.08 -8.46 -3.96
N GLU A 23 -19.31 -7.78 -2.83
CA GLU A 23 -19.30 -8.33 -1.45
C GLU A 23 -20.58 -7.90 -0.73
N ALA A 24 -21.68 -7.78 -1.47
CA ALA A 24 -23.01 -7.42 -0.96
C ALA A 24 -23.54 -8.54 -0.07
N PHE A 25 -24.71 -8.34 0.54
CA PHE A 25 -25.40 -9.30 1.45
C PHE A 25 -24.44 -9.80 2.53
N GLN A 26 -23.66 -8.89 3.11
CA GLN A 26 -22.77 -9.13 4.27
C GLN A 26 -21.68 -10.17 3.92
N ARG A 27 -21.41 -10.41 2.62
CA ARG A 27 -20.18 -11.15 2.22
C ARG A 27 -18.97 -10.35 2.69
N ALA A 28 -19.04 -9.00 2.66
CA ALA A 28 -17.96 -8.12 3.21
C ALA A 28 -17.83 -8.34 4.72
N VAL A 29 -18.95 -8.59 5.42
CA VAL A 29 -18.92 -8.85 6.89
C VAL A 29 -18.18 -10.17 7.13
N GLN A 30 -18.45 -11.20 6.32
CA GLN A 30 -17.73 -12.48 6.40
C GLN A 30 -16.22 -12.24 6.25
N MET A 31 -15.79 -11.41 5.28
CA MET A 31 -14.34 -11.11 5.12
C MET A 31 -13.82 -10.40 6.40
N SER A 32 -14.61 -9.51 6.99
CA SER A 32 -14.20 -8.71 8.17
C SER A 32 -13.99 -9.60 9.40
N ARG A 33 -14.58 -10.80 9.43
CA ARG A 33 -14.50 -11.75 10.58
C ARG A 33 -13.20 -12.56 10.53
N LEU A 34 -12.49 -12.57 9.40
CA LEU A 34 -11.19 -13.26 9.27
C LEU A 34 -10.18 -12.60 10.19
N PRO A 35 -9.16 -13.36 10.64
CA PRO A 35 -7.95 -12.76 11.19
C PRO A 35 -7.38 -11.74 10.20
N GLU A 36 -6.59 -10.80 10.69
CA GLU A 36 -5.95 -9.72 9.88
C GLU A 36 -5.21 -10.32 8.67
N GLU A 37 -4.44 -11.39 8.84
CA GLU A 37 -3.69 -12.11 7.77
C GLU A 37 -4.65 -12.56 6.65
N GLY A 38 -5.77 -13.14 7.03
CA GLY A 38 -6.81 -13.66 6.13
C GLY A 38 -7.55 -12.56 5.42
N GLN A 39 -7.90 -11.47 6.11
CA GLN A 39 -8.50 -10.26 5.51
C GLN A 39 -7.61 -9.78 4.35
N ARG A 40 -6.30 -9.65 4.63
CA ARG A 40 -5.33 -9.16 3.63
C ARG A 40 -5.18 -10.17 2.49
N ARG A 41 -5.16 -11.48 2.75
CA ARG A 41 -5.07 -12.49 1.66
C ARG A 41 -6.33 -12.38 0.77
N ALA A 42 -7.52 -12.23 1.36
CA ALA A 42 -8.79 -12.13 0.61
C ALA A 42 -8.78 -10.86 -0.26
N LEU A 43 -8.35 -9.73 0.31
CA LEU A 43 -8.25 -8.43 -0.42
C LEU A 43 -7.20 -8.53 -1.55
N ASP A 44 -6.04 -9.14 -1.28
CA ASP A 44 -4.97 -9.36 -2.30
C ASP A 44 -5.48 -10.23 -3.45
N VAL A 45 -6.07 -11.40 -3.18
CA VAL A 45 -6.46 -12.31 -4.28
C VAL A 45 -7.49 -11.59 -5.15
N LEU A 46 -8.31 -10.70 -4.60
CA LEU A 46 -9.32 -9.95 -5.40
C LEU A 46 -8.64 -8.81 -6.18
N PHE A 47 -7.83 -7.96 -5.52
CA PHE A 47 -7.48 -6.61 -6.06
C PHE A 47 -5.99 -6.47 -6.42
N SER A 48 -5.10 -7.32 -5.92
CA SER A 48 -3.64 -7.12 -6.13
C SER A 48 -3.31 -7.30 -7.62
N THR A 49 -2.62 -6.32 -8.22
CA THR A 49 -2.03 -6.45 -9.58
C THR A 49 -0.66 -7.15 -9.56
N THR A 50 -0.20 -7.67 -8.43
CA THR A 50 1.08 -8.41 -8.36
C THR A 50 0.86 -9.85 -7.92
N ASN A 51 -0.04 -10.16 -6.99
CA ASN A 51 -0.22 -11.55 -6.46
C ASN A 51 -1.72 -11.92 -6.46
N GLY A 52 -2.55 -11.23 -7.24
CA GLY A 52 -4.01 -11.43 -7.22
C GLY A 52 -4.65 -11.29 -8.59
N ALA A 53 -5.98 -11.23 -8.63
CA ALA A 53 -6.74 -11.13 -9.90
C ALA A 53 -6.69 -9.71 -10.48
N GLY A 54 -6.19 -8.70 -9.76
CA GLY A 54 -6.18 -7.29 -10.23
C GLY A 54 -7.56 -6.78 -10.60
N LEU A 55 -8.60 -7.15 -9.86
CA LEU A 55 -9.97 -6.73 -10.23
C LEU A 55 -10.03 -5.20 -10.12
N SER A 56 -10.67 -4.57 -11.11
CA SER A 56 -10.62 -3.10 -11.32
C SER A 56 -11.99 -2.42 -11.10
N ILE A 57 -13.04 -3.18 -10.77
CA ILE A 57 -14.41 -2.66 -10.47
C ILE A 57 -14.96 -3.37 -9.23
N LEU A 58 -15.54 -2.60 -8.30
CA LEU A 58 -16.29 -3.17 -7.15
C LEU A 58 -17.76 -2.77 -7.28
N ARG A 59 -18.66 -3.76 -7.25
CA ARG A 59 -20.12 -3.53 -7.24
C ARG A 59 -20.61 -3.66 -5.79
N ASN A 60 -21.16 -2.57 -5.26
CA ASN A 60 -21.71 -2.51 -3.88
C ASN A 60 -23.24 -2.48 -3.94
N GLY A 61 -23.89 -3.14 -2.99
CA GLY A 61 -25.35 -3.02 -2.81
C GLY A 61 -25.69 -1.79 -1.99
N ILE A 62 -26.69 -1.04 -2.42
CA ILE A 62 -27.24 0.11 -1.63
C ILE A 62 -28.30 -0.47 -0.72
N GLY A 63 -27.95 -0.72 0.55
CA GLY A 63 -28.75 -1.52 1.49
C GLY A 63 -30.15 -0.96 1.62
N SER A 64 -31.16 -1.84 1.59
CA SER A 64 -32.60 -1.47 1.63
C SER A 64 -33.28 -1.89 2.94
N SER A 65 -32.63 -2.67 3.81
CA SER A 65 -33.33 -3.41 4.90
C SER A 65 -33.37 -2.61 6.21
N PRO A 66 -34.35 -2.92 7.08
CA PRO A 66 -34.43 -2.26 8.39
C PRO A 66 -33.27 -2.57 9.35
N ASP A 67 -32.54 -3.68 9.16
CA ASP A 67 -31.43 -4.07 10.07
C ASP A 67 -30.53 -5.07 9.35
N MET A 68 -29.50 -5.56 10.05
CA MET A 68 -28.49 -6.52 9.56
C MET A 68 -28.78 -7.93 10.10
N SER A 69 -30.05 -8.26 10.36
CA SER A 69 -30.46 -9.65 10.63
C SER A 69 -30.16 -10.50 9.39
N SER A 70 -29.99 -11.81 9.56
CA SER A 70 -29.70 -12.75 8.46
C SER A 70 -28.49 -12.22 7.66
N ASP A 71 -28.55 -12.15 6.32
CA ASP A 71 -27.47 -11.54 5.50
C ASP A 71 -27.94 -10.19 4.93
N HIS A 72 -28.94 -9.56 5.56
CA HIS A 72 -29.56 -8.33 5.00
C HIS A 72 -28.57 -7.16 5.04
N MET A 73 -28.64 -6.30 4.04
CA MET A 73 -27.88 -5.03 4.03
C MET A 73 -28.78 -3.96 4.63
N VAL A 74 -28.41 -3.43 5.80
CA VAL A 74 -29.15 -2.32 6.44
C VAL A 74 -29.05 -1.07 5.53
N SER A 75 -30.15 -0.35 5.40
CA SER A 75 -30.28 0.97 4.73
C SER A 75 -29.61 2.08 5.55
N ILE A 76 -29.18 3.14 4.88
CA ILE A 76 -28.80 4.43 5.53
C ILE A 76 -30.02 5.11 6.15
N ALA A 77 -31.24 4.76 5.75
CA ALA A 77 -32.47 5.40 6.26
C ALA A 77 -33.52 4.32 6.49
N PRO A 78 -33.29 3.46 7.49
CA PRO A 78 -34.18 2.30 7.74
C PRO A 78 -35.54 2.66 8.34
N LYS A 79 -35.71 3.85 8.94
CA LYS A 79 -36.98 4.22 9.63
C LYS A 79 -37.76 5.20 8.77
N SER A 80 -39.06 4.95 8.62
CA SER A 80 -39.97 5.82 7.85
C SER A 80 -40.06 7.21 8.50
N PRO A 81 -40.00 8.31 7.71
CA PRO A 81 -40.32 9.63 8.24
C PRO A 81 -41.83 9.95 8.24
N GLY A 82 -42.65 8.98 7.81
CA GLY A 82 -44.11 9.12 7.75
C GLY A 82 -44.59 9.60 6.39
N SER A 83 -44.31 10.84 6.01
CA SER A 83 -44.65 11.44 4.69
C SER A 83 -43.39 11.57 3.85
N PRO A 84 -43.43 11.42 2.50
CA PRO A 84 -42.26 11.64 1.66
C PRO A 84 -41.83 13.11 1.60
N ASN A 85 -42.68 14.02 2.07
CA ASN A 85 -42.33 15.47 2.19
C ASN A 85 -41.56 15.72 3.48
N ASN A 86 -41.51 14.76 4.43
CA ASN A 86 -40.76 14.96 5.69
C ASN A 86 -39.29 14.64 5.40
N PRO A 87 -38.31 15.25 6.10
CA PRO A 87 -36.91 14.86 5.91
C PRO A 87 -36.69 13.35 6.21
N LEU A 88 -35.86 12.68 5.39
CA LEU A 88 -35.51 11.26 5.65
C LEU A 88 -34.64 11.25 6.90
N ILE A 89 -34.72 10.17 7.62
CA ILE A 89 -34.01 9.94 8.89
C ILE A 89 -32.78 9.14 8.51
N TYR A 90 -31.65 9.80 8.29
CA TYR A 90 -30.39 9.09 7.98
C TYR A 90 -29.75 8.63 9.29
N SER A 91 -29.22 7.41 9.29
N SER A 91 -29.36 7.36 9.32
CA SER A 91 -28.47 6.86 10.45
CA SER A 91 -28.49 6.78 10.38
C SER A 91 -27.19 6.17 9.99
C SER A 91 -27.30 6.14 9.68
N TRP A 92 -26.30 6.95 9.36
CA TRP A 92 -25.03 6.49 8.72
C TRP A 92 -24.13 5.85 9.77
N ASP A 93 -23.74 4.59 9.58
CA ASP A 93 -22.99 3.86 10.63
C ASP A 93 -21.50 3.82 10.28
N GLY A 94 -21.09 4.47 9.18
CA GLY A 94 -19.67 4.46 8.74
C GLY A 94 -19.16 3.05 8.40
N SER A 95 -20.06 2.10 8.13
CA SER A 95 -19.68 0.71 7.75
C SER A 95 -20.31 0.32 6.41
N ASP A 96 -21.61 0.58 6.23
CA ASP A 96 -22.37 0.17 5.02
C ASP A 96 -22.18 -1.35 4.82
N ASN A 97 -22.47 -2.13 5.85
CA ASN A 97 -22.47 -3.61 5.72
C ASN A 97 -21.06 -4.11 5.37
N LYS A 98 -20.04 -3.43 5.91
CA LYS A 98 -18.59 -3.64 5.68
C LYS A 98 -18.16 -3.43 4.22
N GLN A 99 -19.02 -2.89 3.36
CA GLN A 99 -18.66 -2.58 1.96
C GLN A 99 -17.78 -1.33 1.93
N LEU A 100 -17.92 -0.42 2.90
CA LEU A 100 -17.06 0.81 2.89
C LEU A 100 -15.59 0.41 3.10
N TRP A 101 -15.31 -0.46 4.06
CA TRP A 101 -13.96 -1.01 4.31
C TRP A 101 -13.38 -1.65 3.03
N VAL A 102 -14.08 -2.58 2.43
CA VAL A 102 -13.61 -3.22 1.15
C VAL A 102 -13.32 -2.14 0.10
N SER A 103 -14.24 -1.18 -0.09
CA SER A 103 -14.13 -0.03 -1.04
C SER A 103 -12.86 0.79 -0.70
N GLN A 104 -12.69 1.19 0.55
CA GLN A 104 -11.52 2.02 0.97
C GLN A 104 -10.22 1.26 0.67
N GLU A 105 -10.21 -0.05 0.87
CA GLU A 105 -9.00 -0.84 0.57
C GLU A 105 -8.79 -0.93 -0.94
N ALA A 106 -9.83 -1.30 -1.69
CA ALA A 106 -9.82 -1.39 -3.17
C ALA A 106 -9.24 -0.07 -3.71
N VAL A 107 -9.75 1.07 -3.25
CA VAL A 107 -9.37 2.39 -3.82
C VAL A 107 -7.96 2.77 -3.35
N HIS A 108 -7.73 2.81 -2.05
CA HIS A 108 -6.51 3.42 -1.44
C HIS A 108 -5.33 2.46 -1.43
N THR A 109 -5.52 1.16 -1.15
CA THR A 109 -4.39 0.19 -1.17
C THR A 109 -4.09 -0.27 -2.60
N TYR A 110 -5.12 -0.57 -3.42
CA TYR A 110 -4.96 -1.31 -4.70
C TYR A 110 -5.19 -0.44 -5.96
N GLY A 111 -5.66 0.81 -5.85
CA GLY A 111 -5.72 1.74 -6.99
C GLY A 111 -7.00 1.61 -7.79
N VAL A 112 -8.04 0.96 -7.26
CA VAL A 112 -9.35 0.80 -7.96
C VAL A 112 -9.97 2.20 -8.09
N LYS A 113 -10.53 2.52 -9.25
CA LYS A 113 -11.11 3.87 -9.51
C LYS A 113 -12.55 3.75 -10.03
N THR A 114 -13.15 2.56 -10.08
CA THR A 114 -14.55 2.38 -10.55
C THR A 114 -15.33 1.69 -9.45
N ILE A 115 -16.37 2.34 -8.95
CA ILE A 115 -17.20 1.82 -7.84
C ILE A 115 -18.64 1.97 -8.31
N TYR A 116 -19.32 0.85 -8.47
CA TYR A 116 -20.72 0.78 -8.93
C TYR A 116 -21.61 0.46 -7.73
N ALA A 117 -22.46 1.42 -7.34
CA ALA A 117 -23.42 1.27 -6.22
C ALA A 117 -24.79 1.02 -6.85
N ASP A 118 -25.38 -0.12 -6.52
CA ASP A 118 -26.64 -0.62 -7.12
C ASP A 118 -27.62 -0.98 -6.00
N ALA A 119 -28.83 -0.40 -6.06
CA ALA A 119 -29.93 -0.70 -5.13
C ALA A 119 -30.72 -1.89 -5.69
N TRP A 120 -30.93 -2.92 -4.87
CA TRP A 120 -31.88 -4.04 -5.16
C TRP A 120 -33.33 -3.59 -4.91
N SER A 121 -33.51 -2.65 -3.99
CA SER A 121 -34.85 -2.10 -3.61
C SER A 121 -34.65 -0.74 -2.97
N ALA A 122 -35.68 0.10 -3.04
CA ALA A 122 -35.90 1.21 -2.09
C ALA A 122 -36.21 0.64 -0.72
N PRO A 123 -36.07 1.44 0.35
CA PRO A 123 -36.62 1.07 1.66
C PRO A 123 -38.11 0.71 1.55
N GLY A 124 -38.56 -0.24 2.37
CA GLY A 124 -39.95 -0.75 2.32
C GLY A 124 -41.00 0.34 2.41
N TYR A 125 -40.79 1.41 3.20
CA TYR A 125 -41.78 2.48 3.43
C TYR A 125 -41.96 3.30 2.16
N MET A 126 -41.10 3.13 1.15
CA MET A 126 -41.21 3.86 -0.14
C MET A 126 -41.94 3.00 -1.19
N LYS A 127 -42.45 1.82 -0.81
CA LYS A 127 -42.95 0.86 -1.83
C LYS A 127 -44.42 0.48 -1.60
N THR A 128 -45.04 -0.04 -2.65
CA THR A 128 -46.46 -0.44 -2.69
C THR A 128 -46.73 -1.54 -1.65
N ASN A 129 -45.77 -2.41 -1.37
CA ASN A 129 -45.98 -3.56 -0.44
C ASN A 129 -45.41 -3.25 0.96
N GLY A 130 -44.78 -2.10 1.19
CA GLY A 130 -44.29 -1.68 2.52
C GLY A 130 -43.11 -2.52 3.00
N ASN A 131 -42.43 -3.24 2.10
CA ASN A 131 -41.24 -4.05 2.48
C ASN A 131 -40.19 -3.97 1.37
N ASP A 132 -38.90 -4.09 1.72
CA ASP A 132 -37.81 -4.04 0.71
C ASP A 132 -37.72 -5.42 0.02
N ALA A 133 -38.24 -6.48 0.65
CA ALA A 133 -38.30 -7.83 0.05
C ALA A 133 -39.66 -8.05 -0.63
N ASN A 134 -39.76 -9.14 -1.38
CA ASN A 134 -41.05 -9.65 -1.93
C ASN A 134 -41.57 -8.69 -3.00
N GLY A 135 -40.67 -8.13 -3.81
CA GLY A 135 -41.08 -7.35 -4.98
C GLY A 135 -41.73 -6.06 -4.53
N GLY A 136 -42.85 -5.71 -5.18
CA GLY A 136 -43.47 -4.39 -5.06
C GLY A 136 -42.69 -3.35 -5.85
N THR A 137 -43.24 -2.14 -5.93
CA THR A 137 -42.73 -1.04 -6.79
C THR A 137 -42.64 0.26 -5.98
N LEU A 138 -41.77 1.17 -6.45
CA LEU A 138 -41.59 2.52 -5.85
C LEU A 138 -42.90 3.29 -5.93
N CYS A 139 -43.40 3.76 -4.79
CA CYS A 139 -44.65 4.54 -4.68
C CYS A 139 -44.58 5.82 -5.52
N GLY A 140 -45.58 6.03 -6.37
CA GLY A 140 -45.71 7.27 -7.14
C GLY A 140 -45.34 7.08 -8.61
N LEU A 141 -44.76 5.95 -9.00
CA LEU A 141 -44.56 5.65 -10.43
C LEU A 141 -45.95 5.36 -11.03
N SER A 142 -46.09 5.57 -12.33
CA SER A 142 -47.31 5.24 -13.08
C SER A 142 -47.75 3.80 -12.77
N GLY A 143 -49.01 3.60 -12.40
CA GLY A 143 -49.58 2.30 -12.03
C GLY A 143 -49.13 1.82 -10.64
N ALA A 144 -48.51 2.69 -9.81
CA ALA A 144 -48.00 2.34 -8.47
C ALA A 144 -48.31 3.46 -7.47
N GLN A 145 -49.58 3.85 -7.36
CA GLN A 145 -50.03 4.88 -6.37
C GLN A 145 -50.11 4.28 -4.96
N CYS A 146 -49.78 5.09 -3.96
CA CYS A 146 -49.74 4.66 -2.54
C CYS A 146 -50.44 5.69 -1.66
N ALA A 147 -51.23 5.19 -0.71
CA ALA A 147 -51.89 5.98 0.35
C ALA A 147 -50.84 6.87 1.03
N SER A 148 -49.63 6.36 1.28
CA SER A 148 -48.53 7.10 1.95
C SER A 148 -48.04 8.28 1.09
N GLY A 149 -48.21 8.25 -0.24
CA GLY A 149 -47.81 9.38 -1.08
C GLY A 149 -46.80 8.95 -2.14
N ASP A 150 -46.24 9.95 -2.80
CA ASP A 150 -45.33 9.79 -3.95
C ASP A 150 -43.90 9.87 -3.42
N TRP A 151 -43.19 8.76 -3.42
CA TRP A 151 -41.82 8.66 -2.83
C TRP A 151 -40.73 8.77 -3.92
N ARG A 152 -41.07 9.10 -5.16
CA ARG A 152 -40.08 9.09 -6.27
C ARG A 152 -38.94 10.07 -5.97
N GLN A 153 -39.23 11.35 -5.70
CA GLN A 153 -38.13 12.32 -5.42
C GLN A 153 -37.34 11.89 -4.16
N ALA A 154 -38.05 11.40 -3.13
CA ALA A 154 -37.42 10.95 -1.86
C ALA A 154 -36.41 9.84 -2.17
N TYR A 155 -36.79 8.89 -3.03
CA TYR A 155 -35.85 7.82 -3.45
C TYR A 155 -34.62 8.45 -4.15
N ALA A 156 -34.82 9.39 -5.07
CA ALA A 156 -33.68 10.04 -5.77
C ALA A 156 -32.78 10.75 -4.73
N ASP A 157 -33.37 11.42 -3.74
CA ASP A 157 -32.60 12.17 -2.71
C ASP A 157 -31.78 11.18 -1.88
N TYR A 158 -32.38 10.06 -1.56
CA TYR A 158 -31.80 8.94 -0.77
C TYR A 158 -30.58 8.35 -1.48
N LEU A 159 -30.69 8.05 -2.77
CA LEU A 159 -29.57 7.49 -3.57
C LEU A 159 -28.44 8.51 -3.61
N THR A 160 -28.78 9.80 -3.83
CA THR A 160 -27.80 10.90 -3.85
C THR A 160 -27.10 10.96 -2.48
N LYS A 161 -27.85 10.81 -1.36
CA LYS A 161 -27.25 10.89 0.00
C LYS A 161 -26.26 9.73 0.19
N TYR A 162 -26.60 8.53 -0.30
CA TYR A 162 -25.73 7.35 -0.13
C TYR A 162 -24.38 7.64 -0.79
N VAL A 163 -24.42 8.16 -2.02
CA VAL A 163 -23.21 8.59 -2.77
C VAL A 163 -22.45 9.65 -1.96
N GLU A 164 -23.16 10.62 -1.38
CA GLU A 164 -22.55 11.69 -0.55
C GLU A 164 -21.83 11.04 0.64
N PHE A 165 -22.44 10.05 1.29
CA PHE A 165 -21.80 9.40 2.47
C PHE A 165 -20.51 8.71 2.05
N TYR A 166 -20.47 8.09 0.87
CA TYR A 166 -19.23 7.46 0.34
C TYR A 166 -18.19 8.56 0.07
N GLN A 167 -18.60 9.64 -0.59
CA GLN A 167 -17.72 10.81 -0.88
C GLN A 167 -17.04 11.31 0.40
N GLU A 168 -17.80 11.50 1.47
CA GLU A 168 -17.30 12.08 2.74
C GLU A 168 -16.44 11.04 3.47
N SER A 169 -16.45 9.77 3.03
CA SER A 169 -15.54 8.69 3.51
C SER A 169 -14.41 8.41 2.51
N ASN A 170 -14.13 9.34 1.59
CA ASN A 170 -12.96 9.26 0.67
C ASN A 170 -13.12 8.14 -0.35
N VAL A 171 -14.35 7.83 -0.75
CA VAL A 171 -14.60 6.89 -1.88
C VAL A 171 -15.57 7.54 -2.86
N THR A 172 -15.17 7.63 -4.13
CA THR A 172 -16.01 8.15 -5.24
C THR A 172 -16.82 6.99 -5.84
N VAL A 173 -18.14 7.03 -5.70
CA VAL A 173 -19.06 6.19 -6.52
C VAL A 173 -19.12 6.78 -7.93
N THR A 174 -18.78 6.00 -8.95
CA THR A 174 -18.61 6.47 -10.34
C THR A 174 -19.85 6.11 -11.14
N HIS A 175 -20.57 5.06 -10.71
CA HIS A 175 -21.75 4.50 -11.39
C HIS A 175 -22.84 4.21 -10.36
N LEU A 176 -24.09 4.52 -10.71
CA LEU A 176 -25.25 4.45 -9.79
C LEU A 176 -26.43 3.74 -10.46
N GLY A 177 -26.84 2.60 -9.90
CA GLY A 177 -28.07 1.86 -10.26
C GLY A 177 -29.13 1.92 -9.18
N PHE A 178 -30.40 1.90 -9.59
CA PHE A 178 -31.57 2.11 -8.68
C PHE A 178 -32.51 0.91 -8.65
N ILE A 179 -32.22 -0.11 -9.47
CA ILE A 179 -32.94 -1.42 -9.52
C ILE A 179 -31.95 -2.53 -9.80
N ASN A 180 -32.41 -3.75 -9.53
CA ASN A 180 -31.67 -4.99 -9.78
C ASN A 180 -32.69 -6.04 -10.14
N ALA A 181 -32.48 -6.77 -11.24
CA ALA A 181 -33.43 -7.83 -11.68
C ALA A 181 -34.86 -7.35 -11.55
N PRO A 182 -35.22 -6.22 -12.22
CA PRO A 182 -36.55 -5.60 -12.03
C PRO A 182 -37.70 -6.44 -12.59
N GLU A 183 -37.40 -7.53 -13.30
CA GLU A 183 -38.41 -8.51 -13.78
C GLU A 183 -38.67 -9.58 -12.69
N LEU A 184 -37.97 -9.53 -11.55
CA LEU A 184 -37.97 -10.63 -10.56
C LEU A 184 -38.49 -10.16 -9.20
N THR A 185 -39.48 -10.86 -8.69
CA THR A 185 -39.94 -10.81 -7.28
C THR A 185 -39.24 -11.94 -6.54
N THR A 186 -38.53 -11.67 -5.44
CA THR A 186 -37.80 -12.68 -4.63
C THR A 186 -38.14 -12.53 -3.14
N SER A 187 -37.70 -13.48 -2.32
CA SER A 187 -37.86 -13.45 -0.85
C SER A 187 -36.83 -12.52 -0.20
N TYR A 188 -35.90 -11.93 -0.96
CA TYR A 188 -34.86 -11.01 -0.42
C TYR A 188 -35.13 -9.64 -1.07
N ALA A 189 -34.23 -8.68 -0.91
CA ALA A 189 -34.35 -7.34 -1.50
C ALA A 189 -34.63 -7.46 -3.00
N SER A 190 -35.75 -6.89 -3.40
CA SER A 190 -36.28 -7.00 -4.77
C SER A 190 -37.32 -5.90 -5.00
N MET A 191 -37.45 -5.47 -6.25
CA MET A 191 -38.31 -4.32 -6.57
C MET A 191 -38.59 -4.36 -8.07
N ARG A 192 -39.89 -4.32 -8.42
CA ARG A 192 -40.38 -4.53 -9.80
C ARG A 192 -40.53 -3.17 -10.48
N PHE A 193 -39.78 -2.98 -11.57
CA PHE A 193 -39.95 -1.84 -12.51
C PHE A 193 -40.11 -2.38 -13.94
N SER A 194 -41.09 -1.86 -14.65
CA SER A 194 -41.18 -1.97 -16.12
C SER A 194 -40.13 -1.03 -16.73
N ALA A 195 -39.88 -1.17 -18.03
CA ALA A 195 -38.96 -0.30 -18.80
C ALA A 195 -39.44 1.16 -18.75
N SER A 196 -40.75 1.38 -18.90
N SER A 196 -40.75 1.40 -18.89
CA SER A 196 -41.35 2.74 -18.88
CA SER A 196 -41.34 2.76 -18.89
C SER A 196 -41.13 3.35 -17.48
C SER A 196 -41.20 3.37 -17.48
N GLN A 197 -41.33 2.55 -16.43
CA GLN A 197 -41.18 3.01 -15.02
C GLN A 197 -39.70 3.36 -14.79
N ALA A 198 -38.76 2.57 -15.32
CA ALA A 198 -37.32 2.89 -15.27
C ALA A 198 -37.03 4.24 -15.94
N ALA A 199 -37.58 4.49 -17.13
CA ALA A 199 -37.43 5.76 -17.88
C ALA A 199 -38.05 6.92 -17.06
N GLU A 200 -39.21 6.70 -16.44
CA GLU A 200 -39.89 7.71 -15.58
C GLU A 200 -38.96 8.08 -14.42
N PHE A 201 -38.34 7.08 -13.79
CA PHE A 201 -37.49 7.37 -12.61
C PHE A 201 -36.22 8.09 -13.07
N ILE A 202 -35.63 7.70 -14.19
CA ILE A 202 -34.38 8.36 -14.67
C ILE A 202 -34.62 9.86 -14.86
N ARG A 203 -35.82 10.24 -15.32
N ARG A 203 -35.81 10.27 -15.32
CA ARG A 203 -36.24 11.67 -15.52
CA ARG A 203 -36.14 11.70 -15.54
C ARG A 203 -36.13 12.44 -14.20
C ARG A 203 -36.16 12.45 -14.20
N ILE A 204 -36.33 11.75 -13.07
CA ILE A 204 -36.31 12.36 -11.72
C ILE A 204 -34.90 12.27 -11.12
N LEU A 205 -34.24 11.12 -11.26
CA LEU A 205 -32.90 10.91 -10.64
C LEU A 205 -31.85 11.80 -11.31
N TYR A 206 -31.90 11.95 -12.63
CA TYR A 206 -30.84 12.62 -13.40
C TYR A 206 -30.69 14.08 -12.94
N PRO A 207 -31.75 14.91 -12.97
CA PRO A 207 -31.66 16.29 -12.47
C PRO A 207 -31.28 16.36 -10.98
N THR A 208 -31.70 15.38 -10.18
CA THR A 208 -31.32 15.30 -8.75
C THR A 208 -29.79 15.17 -8.65
N ILE A 209 -29.16 14.26 -9.40
CA ILE A 209 -27.68 14.12 -9.39
C ILE A 209 -27.08 15.42 -9.96
N GLN A 210 -27.58 15.91 -11.09
CA GLN A 210 -26.95 17.03 -11.84
C GLN A 210 -26.94 18.29 -10.98
N LYS A 211 -27.97 18.49 -10.15
CA LYS A 211 -28.13 19.71 -9.34
C LYS A 211 -27.40 19.57 -8.01
N SER A 212 -26.99 18.36 -7.64
CA SER A 212 -26.39 18.05 -6.33
C SER A 212 -25.04 18.74 -6.20
N ASN A 213 -24.53 18.76 -4.95
CA ASN A 213 -23.16 19.25 -4.61
C ASN A 213 -22.17 18.08 -4.67
N LEU A 214 -22.53 16.93 -5.26
CA LEU A 214 -21.55 15.82 -5.40
C LEU A 214 -20.32 16.32 -6.19
N THR A 215 -19.12 16.02 -5.67
CA THR A 215 -17.77 16.34 -6.24
C THR A 215 -17.59 15.65 -7.60
N TYR A 216 -18.08 14.41 -7.69
CA TYR A 216 -18.15 13.61 -8.93
C TYR A 216 -19.61 13.22 -9.17
N LYS A 217 -20.20 13.61 -10.30
CA LYS A 217 -21.59 13.19 -10.64
C LYS A 217 -21.52 11.79 -11.22
N PRO A 218 -22.04 10.76 -10.51
CA PRO A 218 -21.96 9.39 -11.02
C PRO A 218 -22.82 9.20 -12.27
N THR A 219 -22.38 8.31 -13.15
CA THR A 219 -23.17 7.88 -14.34
C THR A 219 -24.34 6.98 -13.89
N ILE A 220 -25.55 7.30 -14.30
CA ILE A 220 -26.75 6.46 -13.99
C ILE A 220 -26.71 5.24 -14.91
N ALA A 221 -26.96 4.07 -14.31
CA ALA A 221 -26.99 2.74 -14.96
C ALA A 221 -28.44 2.25 -15.04
N CYS A 222 -28.75 1.41 -16.01
CA CYS A 222 -29.99 0.61 -16.04
C CYS A 222 -29.76 -0.64 -16.89
N CYS A 223 -30.38 -1.78 -16.52
CA CYS A 223 -31.33 -1.95 -15.44
C CYS A 223 -31.02 -3.23 -14.62
N ASP A 224 -29.86 -3.86 -14.85
CA ASP A 224 -29.45 -5.13 -14.20
C ASP A 224 -30.55 -6.18 -14.40
N ALA A 225 -31.13 -6.22 -15.59
CA ALA A 225 -32.02 -7.34 -15.99
C ALA A 225 -31.24 -8.66 -15.89
N GLU A 226 -31.94 -9.80 -15.86
CA GLU A 226 -31.32 -11.12 -15.54
C GLU A 226 -30.58 -11.72 -16.75
N GLY A 227 -30.69 -11.09 -17.92
CA GLY A 227 -29.95 -11.48 -19.13
C GLY A 227 -29.98 -10.41 -20.20
N TRP A 228 -29.15 -10.62 -21.22
CA TRP A 228 -29.05 -9.76 -22.44
C TRP A 228 -30.45 -9.61 -23.06
N ASN A 229 -31.18 -10.71 -23.27
CA ASN A 229 -32.48 -10.74 -23.99
C ASN A 229 -33.47 -9.84 -23.26
N SER A 230 -33.56 -9.99 -21.93
CA SER A 230 -34.49 -9.21 -21.07
C SER A 230 -34.05 -7.72 -21.06
N GLN A 231 -32.76 -7.42 -20.89
CA GLN A 231 -32.28 -6.00 -20.88
C GLN A 231 -32.55 -5.37 -22.26
N ALA A 232 -32.30 -6.12 -23.35
CA ALA A 232 -32.49 -5.61 -24.73
C ALA A 232 -33.95 -5.14 -24.91
N GLY A 233 -34.89 -5.87 -24.30
CA GLY A 233 -36.34 -5.60 -24.31
C GLY A 233 -36.72 -4.27 -23.66
N MET A 234 -35.86 -3.70 -22.82
CA MET A 234 -36.14 -2.44 -22.07
C MET A 234 -35.63 -1.23 -22.84
N LEU A 235 -34.79 -1.42 -23.87
CA LEU A 235 -34.01 -0.31 -24.48
C LEU A 235 -34.93 0.63 -25.24
N GLY A 236 -36.00 0.13 -25.86
CA GLY A 236 -36.98 0.99 -26.54
C GLY A 236 -37.51 2.06 -25.60
N ALA A 237 -38.10 1.65 -24.47
CA ALA A 237 -38.66 2.60 -23.49
C ALA A 237 -37.56 3.52 -22.96
N LEU A 238 -36.35 2.99 -22.75
CA LEU A 238 -35.21 3.79 -22.24
C LEU A 238 -34.72 4.85 -23.25
N SER A 239 -35.02 4.72 -24.54
CA SER A 239 -34.36 5.54 -25.59
C SER A 239 -34.78 7.00 -25.42
N SER A 240 -35.96 7.28 -24.86
CA SER A 240 -36.44 8.67 -24.63
C SER A 240 -35.58 9.38 -23.58
N VAL A 241 -34.82 8.63 -22.76
CA VAL A 241 -33.96 9.21 -21.68
C VAL A 241 -32.49 8.85 -21.89
N ASN A 242 -32.04 8.62 -23.13
CA ASN A 242 -30.62 8.29 -23.42
C ASN A 242 -29.68 9.45 -23.08
N SER A 243 -30.16 10.69 -23.03
CA SER A 243 -29.38 11.88 -22.61
C SER A 243 -29.25 11.97 -21.08
N MET A 244 -29.88 11.05 -20.34
CA MET A 244 -30.04 11.18 -18.88
C MET A 244 -29.42 9.99 -18.12
N PHE A 245 -28.87 9.00 -18.80
CA PHE A 245 -28.08 7.91 -18.18
C PHE A 245 -26.97 7.51 -19.15
N GLY A 246 -25.98 6.73 -18.71
CA GLY A 246 -24.77 6.49 -19.53
C GLY A 246 -24.21 5.10 -19.40
N LEU A 247 -24.98 4.14 -18.89
CA LEU A 247 -24.48 2.75 -18.75
C LEU A 247 -25.66 1.79 -18.80
N VAL A 248 -25.55 0.80 -19.67
CA VAL A 248 -26.52 -0.34 -19.73
C VAL A 248 -25.87 -1.52 -19.01
N THR A 249 -26.64 -2.18 -18.17
CA THR A 249 -26.18 -3.30 -17.31
C THR A 249 -27.13 -4.49 -17.45
N ALA A 250 -26.59 -5.70 -17.49
CA ALA A 250 -27.39 -6.92 -17.46
C ALA A 250 -26.55 -8.06 -16.92
N HIS A 251 -27.25 -9.08 -16.46
CA HIS A 251 -26.66 -10.31 -15.88
C HIS A 251 -26.56 -11.36 -16.97
N ALA A 252 -26.10 -12.57 -16.63
CA ALA A 252 -26.00 -13.71 -17.58
C ALA A 252 -26.67 -14.94 -16.98
N TYR A 253 -27.91 -14.80 -16.49
CA TYR A 253 -28.69 -15.90 -15.87
C TYR A 253 -29.77 -16.40 -16.84
N THR A 254 -30.62 -15.52 -17.37
CA THR A 254 -31.80 -15.95 -18.15
C THR A 254 -31.50 -16.00 -19.64
N SER A 255 -30.38 -15.41 -20.08
CA SER A 255 -29.81 -15.53 -21.45
C SER A 255 -28.33 -15.16 -21.37
N GLN A 256 -27.57 -15.48 -22.44
CA GLN A 256 -26.10 -15.29 -22.46
C GLN A 256 -25.78 -14.00 -23.23
N PRO A 257 -24.67 -13.32 -22.89
CA PRO A 257 -24.26 -12.11 -23.61
C PRO A 257 -23.60 -12.44 -24.96
N GLY A 258 -24.40 -12.77 -25.96
CA GLY A 258 -23.94 -13.37 -27.23
C GLY A 258 -24.14 -12.45 -28.44
N PHE A 259 -24.67 -11.23 -28.25
CA PHE A 259 -24.94 -10.26 -29.34
C PHE A 259 -24.72 -8.84 -28.80
N SER A 260 -24.48 -7.90 -29.71
CA SER A 260 -24.34 -6.45 -29.40
C SER A 260 -25.74 -5.85 -29.19
N MET A 261 -26.03 -5.33 -28.01
CA MET A 261 -27.29 -4.56 -27.80
C MET A 261 -27.27 -3.27 -28.62
N ASN A 262 -28.43 -2.88 -29.13
CA ASN A 262 -28.64 -1.62 -29.87
C ASN A 262 -28.83 -0.49 -28.86
N THR A 263 -27.73 0.03 -28.32
CA THR A 263 -27.77 1.16 -27.35
C THR A 263 -26.55 1.99 -27.67
N PRO A 264 -26.62 3.33 -27.50
CA PRO A 264 -25.43 4.17 -27.63
C PRO A 264 -24.45 4.06 -26.45
N HIS A 265 -24.87 3.49 -25.32
CA HIS A 265 -24.09 3.46 -24.07
C HIS A 265 -23.16 2.25 -24.04
N PRO A 266 -22.09 2.32 -23.24
CA PRO A 266 -21.32 1.12 -22.92
C PRO A 266 -22.25 0.12 -22.22
N VAL A 267 -21.96 -1.17 -22.39
CA VAL A 267 -22.76 -2.28 -21.79
C VAL A 267 -21.86 -3.06 -20.83
N TRP A 268 -22.27 -3.27 -19.58
CA TRP A 268 -21.54 -4.16 -18.63
C TRP A 268 -22.38 -5.42 -18.37
N MET A 269 -21.69 -6.54 -18.26
CA MET A 269 -22.23 -7.80 -17.73
C MET A 269 -21.94 -7.75 -16.22
N THR A 270 -22.94 -7.37 -15.42
CA THR A 270 -22.71 -7.01 -13.99
C THR A 270 -22.88 -8.19 -13.04
N GLU A 271 -23.32 -9.37 -13.49
CA GLU A 271 -23.50 -10.50 -12.55
C GLU A 271 -23.66 -11.81 -13.33
N ALA A 272 -22.78 -12.76 -13.04
CA ALA A 272 -22.88 -14.15 -13.47
C ALA A 272 -22.22 -15.03 -12.42
N ALA A 273 -22.62 -16.29 -12.35
CA ALA A 273 -22.06 -17.30 -11.41
C ALA A 273 -22.73 -18.65 -11.66
N ASP A 274 -22.08 -19.70 -11.20
CA ASP A 274 -22.70 -21.03 -11.02
C ASP A 274 -23.30 -21.05 -9.62
N LEU A 275 -24.48 -20.47 -9.44
CA LEU A 275 -24.98 -20.06 -8.09
C LEU A 275 -25.14 -21.26 -7.15
N GLN A 276 -25.51 -22.44 -7.67
CA GLN A 276 -25.89 -23.58 -6.80
C GLN A 276 -24.99 -24.80 -7.02
N GLY A 277 -24.08 -24.72 -7.99
CA GLY A 277 -23.17 -25.83 -8.33
C GLY A 277 -22.24 -26.14 -7.17
N ALA A 278 -21.98 -27.44 -6.95
CA ALA A 278 -21.08 -27.90 -5.87
C ALA A 278 -19.72 -27.21 -6.04
N TRP A 279 -19.14 -26.73 -4.95
CA TRP A 279 -17.82 -26.04 -4.98
C TRP A 279 -16.82 -26.86 -5.82
N THR A 280 -16.13 -26.21 -6.75
CA THR A 280 -14.89 -26.74 -7.35
C THR A 280 -13.87 -25.60 -7.44
N SER A 281 -12.60 -25.93 -7.29
CA SER A 281 -11.42 -25.04 -7.54
C SER A 281 -10.78 -25.38 -8.89
N ALA A 282 -11.25 -26.43 -9.57
CA ALA A 282 -10.65 -26.99 -10.80
C ALA A 282 -10.63 -25.97 -11.95
N TRP A 283 -9.56 -25.96 -12.75
CA TRP A 283 -9.52 -25.20 -14.02
C TRP A 283 -10.28 -25.99 -15.09
N TYR A 284 -9.89 -27.25 -15.29
CA TYR A 284 -10.51 -28.09 -16.33
C TYR A 284 -10.63 -29.54 -15.84
N SER A 285 -11.82 -30.08 -16.01
CA SER A 285 -12.15 -31.50 -15.76
C SER A 285 -12.89 -32.02 -16.99
N TYR A 286 -14.12 -31.54 -17.25
CA TYR A 286 -14.91 -31.94 -18.44
C TYR A 286 -15.67 -30.74 -19.04
N GLY A 287 -15.40 -29.51 -18.61
CA GLY A 287 -16.11 -28.28 -19.09
C GLY A 287 -17.40 -28.01 -18.34
N GLY A 288 -17.56 -28.57 -17.13
CA GLY A 288 -18.71 -28.31 -16.25
C GLY A 288 -18.84 -26.85 -15.83
N ALA A 289 -19.95 -26.53 -15.17
CA ALA A 289 -20.46 -25.14 -14.95
C ALA A 289 -19.56 -24.32 -14.03
N GLY A 290 -18.81 -24.93 -13.11
CA GLY A 290 -17.98 -24.21 -12.12
C GLY A 290 -16.52 -24.07 -12.52
N GLU A 291 -16.12 -24.67 -13.65
CA GLU A 291 -14.68 -24.86 -13.96
C GLU A 291 -14.07 -23.53 -14.41
N GLY A 292 -12.85 -23.24 -13.99
CA GLY A 292 -12.11 -22.04 -14.43
C GLY A 292 -12.16 -21.86 -15.94
N TRP A 293 -11.88 -22.92 -16.72
CA TRP A 293 -11.90 -22.90 -18.21
C TRP A 293 -13.23 -22.34 -18.73
N THR A 294 -14.34 -22.83 -18.20
CA THR A 294 -15.71 -22.40 -18.58
C THR A 294 -15.81 -20.89 -18.37
N TRP A 295 -15.33 -20.39 -17.24
CA TRP A 295 -15.49 -18.95 -16.90
C TRP A 295 -14.56 -18.10 -17.76
N ALA A 296 -13.35 -18.56 -18.10
CA ALA A 296 -12.44 -17.82 -19.01
C ALA A 296 -13.12 -17.65 -20.37
N ASN A 297 -13.86 -18.67 -20.83
CA ASN A 297 -14.60 -18.70 -22.12
C ASN A 297 -15.86 -17.84 -22.03
N ASN A 298 -16.53 -17.82 -20.87
CA ASN A 298 -17.71 -16.93 -20.64
C ASN A 298 -17.28 -15.46 -20.77
N VAL A 299 -16.15 -15.08 -20.17
CA VAL A 299 -15.67 -13.66 -20.28
C VAL A 299 -15.38 -13.37 -21.77
N TYR A 300 -14.69 -14.27 -22.47
CA TYR A 300 -14.39 -14.12 -23.93
C TYR A 300 -15.68 -13.84 -24.70
N ASN A 301 -16.69 -14.66 -24.48
CA ASN A 301 -18.00 -14.57 -25.19
C ASN A 301 -18.61 -13.18 -24.94
N ALA A 302 -18.69 -12.76 -23.68
CA ALA A 302 -19.31 -11.46 -23.27
C ALA A 302 -18.60 -10.31 -23.99
N ILE A 303 -17.27 -10.33 -24.06
CA ILE A 303 -16.50 -9.20 -24.65
C ILE A 303 -16.55 -9.27 -26.18
N VAL A 304 -16.29 -10.43 -26.76
CA VAL A 304 -16.06 -10.54 -28.22
C VAL A 304 -17.42 -10.60 -28.93
N ASN A 305 -18.39 -11.34 -28.40
CA ASN A 305 -19.72 -11.54 -29.03
C ASN A 305 -20.78 -10.60 -28.41
N GLY A 306 -20.71 -10.28 -27.11
CA GLY A 306 -21.74 -9.47 -26.42
C GLY A 306 -21.43 -7.98 -26.43
N ASN A 307 -20.25 -7.59 -26.93
CA ASN A 307 -19.78 -6.18 -26.94
C ASN A 307 -19.76 -5.61 -25.52
N ALA A 308 -19.54 -6.43 -24.48
CA ALA A 308 -19.41 -5.94 -23.09
C ALA A 308 -18.15 -5.11 -22.90
N SER A 309 -18.26 -4.03 -22.14
CA SER A 309 -17.10 -3.20 -21.69
C SER A 309 -16.65 -3.63 -20.31
N ALA A 310 -17.37 -4.54 -19.64
CA ALA A 310 -17.01 -5.01 -18.29
C ALA A 310 -17.73 -6.34 -17.99
N TYR A 311 -17.11 -7.09 -17.09
CA TYR A 311 -17.53 -8.44 -16.66
C TYR A 311 -17.31 -8.54 -15.13
N LEU A 312 -18.41 -8.72 -14.40
N LEU A 312 -18.41 -8.69 -14.39
CA LEU A 312 -18.43 -8.92 -12.93
CA LEU A 312 -18.40 -8.92 -12.91
C LEU A 312 -19.01 -10.30 -12.61
C LEU A 312 -19.00 -10.30 -12.62
N TYR A 313 -18.23 -11.14 -11.94
CA TYR A 313 -18.75 -12.35 -11.25
C TYR A 313 -19.64 -11.87 -10.10
N TRP A 314 -20.56 -12.69 -9.59
CA TRP A 314 -21.49 -12.28 -8.50
C TRP A 314 -20.68 -11.90 -7.24
N ILE A 315 -20.07 -12.87 -6.55
CA ILE A 315 -19.37 -12.61 -5.26
C ILE A 315 -17.87 -13.01 -5.41
N GLY A 316 -17.00 -12.19 -4.82
CA GLY A 316 -15.57 -12.49 -4.65
C GLY A 316 -15.37 -13.57 -3.62
N ALA A 317 -15.26 -13.18 -2.35
CA ALA A 317 -15.03 -14.08 -1.20
C ALA A 317 -16.33 -14.21 -0.39
N GLN A 318 -16.62 -15.43 0.06
CA GLN A 318 -17.81 -15.77 0.86
C GLN A 318 -17.57 -17.15 1.44
N THR A 319 -18.23 -17.48 2.54
CA THR A 319 -18.31 -18.83 3.15
C THR A 319 -19.25 -19.70 2.30
N GLY A 320 -19.23 -21.02 2.50
CA GLY A 320 -20.26 -21.94 1.97
C GLY A 320 -19.75 -22.64 0.72
N ASN A 321 -20.46 -23.68 0.26
CA ASN A 321 -19.86 -24.66 -0.67
C ASN A 321 -20.63 -24.75 -2.00
N THR A 322 -21.13 -23.62 -2.52
CA THR A 322 -21.53 -23.48 -3.94
C THR A 322 -20.59 -22.52 -4.69
N ASN A 323 -20.68 -22.50 -6.01
CA ASN A 323 -19.83 -21.69 -6.91
C ASN A 323 -20.44 -20.29 -7.09
N SER A 324 -21.25 -19.79 -6.16
CA SER A 324 -21.84 -18.42 -6.23
C SER A 324 -20.72 -17.38 -6.14
N HIS A 325 -19.55 -17.80 -5.63
CA HIS A 325 -18.39 -16.94 -5.27
C HIS A 325 -17.13 -17.52 -5.92
N MET A 326 -16.10 -16.68 -6.11
CA MET A 326 -14.83 -17.09 -6.74
C MET A 326 -13.82 -17.61 -5.70
N VAL A 327 -13.96 -17.21 -4.43
CA VAL A 327 -12.95 -17.42 -3.35
C VAL A 327 -13.69 -17.98 -2.15
N HIS A 328 -13.29 -19.16 -1.68
CA HIS A 328 -13.89 -19.79 -0.50
C HIS A 328 -13.23 -19.26 0.77
N ILE A 329 -14.03 -18.78 1.72
CA ILE A 329 -13.51 -18.45 3.07
C ILE A 329 -14.10 -19.44 4.10
N ASP A 330 -13.20 -20.08 4.86
CA ASP A 330 -13.56 -21.01 5.96
C ASP A 330 -13.40 -20.19 7.22
N ALA A 331 -14.54 -19.74 7.75
CA ALA A 331 -14.65 -18.78 8.87
C ALA A 331 -13.94 -19.37 10.09
N ASN A 332 -14.10 -20.69 10.29
CA ASN A 332 -13.47 -21.47 11.40
C ASN A 332 -11.95 -21.41 11.29
N ALA A 333 -11.43 -21.92 10.19
CA ALA A 333 -10.00 -22.13 9.97
C ALA A 333 -9.30 -20.78 9.75
N GLY A 334 -10.02 -19.72 9.38
CA GLY A 334 -9.42 -18.44 8.95
C GLY A 334 -8.71 -18.58 7.61
N THR A 335 -9.17 -19.49 6.74
CA THR A 335 -8.51 -19.80 5.44
C THR A 335 -9.21 -19.07 4.31
N VAL A 336 -8.45 -18.75 3.26
CA VAL A 336 -8.93 -18.15 1.99
C VAL A 336 -8.45 -19.06 0.85
N GLU A 337 -9.35 -19.59 0.03
CA GLU A 337 -9.00 -20.52 -1.07
C GLU A 337 -9.59 -20.01 -2.37
N PRO A 338 -8.78 -19.38 -3.26
CA PRO A 338 -9.27 -18.98 -4.57
C PRO A 338 -9.53 -20.20 -5.47
N SER A 339 -10.67 -20.21 -6.14
CA SER A 339 -10.98 -21.18 -7.20
C SER A 339 -10.23 -20.73 -8.46
N LYS A 340 -10.14 -21.60 -9.45
CA LYS A 340 -9.61 -21.26 -10.78
C LYS A 340 -10.58 -20.33 -11.51
N ARG A 341 -11.80 -20.08 -10.96
CA ARG A 341 -12.68 -19.01 -11.51
C ARG A 341 -12.12 -17.63 -11.18
N LEU A 342 -11.55 -17.44 -9.99
CA LEU A 342 -10.86 -16.17 -9.63
C LEU A 342 -9.70 -15.95 -10.62
N TRP A 343 -8.86 -16.97 -10.82
CA TRP A 343 -7.67 -16.88 -11.73
C TRP A 343 -8.12 -16.67 -13.20
N ALA A 344 -9.27 -17.21 -13.60
CA ALA A 344 -9.84 -17.01 -14.95
C ALA A 344 -10.10 -15.51 -15.14
N LEU A 345 -10.78 -14.86 -14.19
CA LEU A 345 -11.15 -13.43 -14.27
C LEU A 345 -9.86 -12.60 -14.22
N GLY A 346 -8.93 -12.97 -13.35
CA GLY A 346 -7.61 -12.30 -13.19
C GLY A 346 -6.75 -12.39 -14.45
N GLN A 347 -6.82 -13.51 -15.16
CA GLN A 347 -6.04 -13.73 -16.41
C GLN A 347 -6.46 -12.68 -17.46
N TRP A 348 -7.70 -12.15 -17.35
CA TRP A 348 -8.15 -10.94 -18.10
C TRP A 348 -7.69 -9.66 -17.40
N SER A 349 -8.14 -9.49 -16.15
CA SER A 349 -8.14 -8.19 -15.46
C SER A 349 -6.72 -7.69 -15.22
N ARG A 350 -5.76 -8.57 -14.90
CA ARG A 350 -4.36 -8.15 -14.63
C ARG A 350 -3.76 -7.39 -15.84
N PHE A 351 -4.16 -7.71 -17.06
CA PHE A 351 -3.43 -7.28 -18.28
C PHE A 351 -4.31 -6.35 -19.12
N VAL A 352 -5.63 -6.44 -18.97
CA VAL A 352 -6.55 -5.56 -19.74
C VAL A 352 -7.11 -4.58 -18.73
N ARG A 353 -6.49 -3.40 -18.65
CA ARG A 353 -6.72 -2.41 -17.58
C ARG A 353 -7.82 -1.44 -18.01
N PRO A 354 -8.48 -0.76 -17.05
CA PRO A 354 -9.50 0.23 -17.41
C PRO A 354 -8.99 1.23 -18.48
N GLY A 355 -9.88 1.57 -19.40
CA GLY A 355 -9.61 2.50 -20.51
C GLY A 355 -8.95 1.82 -21.70
N ALA A 356 -8.72 0.50 -21.64
CA ALA A 356 -8.19 -0.27 -22.78
C ALA A 356 -9.20 -0.24 -23.92
N ARG A 357 -8.71 -0.25 -25.14
CA ARG A 357 -9.56 -0.34 -26.34
C ARG A 357 -9.36 -1.73 -26.94
N ARG A 358 -10.45 -2.43 -27.20
CA ARG A 358 -10.37 -3.72 -27.94
C ARG A 358 -9.96 -3.40 -29.38
N VAL A 359 -8.99 -4.15 -29.91
CA VAL A 359 -8.43 -3.98 -31.28
C VAL A 359 -8.39 -5.33 -31.99
N ALA A 360 -8.27 -5.29 -33.30
CA ALA A 360 -8.39 -6.48 -34.18
C ALA A 360 -7.11 -7.31 -34.01
N VAL A 361 -7.26 -8.63 -34.03
CA VAL A 361 -6.14 -9.61 -34.09
C VAL A 361 -6.55 -10.71 -35.07
N SER A 362 -5.63 -11.10 -35.95
CA SER A 362 -5.87 -12.17 -36.95
C SER A 362 -4.73 -13.18 -36.88
N GLY A 363 -5.00 -14.40 -37.34
CA GLY A 363 -4.00 -15.46 -37.50
C GLY A 363 -4.35 -16.72 -36.74
N ALA A 364 -5.39 -16.71 -35.90
CA ALA A 364 -5.76 -17.83 -35.00
C ALA A 364 -6.12 -19.08 -35.81
N SER A 365 -5.51 -20.21 -35.47
CA SER A 365 -5.91 -21.60 -35.87
C SER A 365 -7.18 -22.01 -35.11
N GLY A 366 -7.79 -23.14 -35.48
CA GLY A 366 -9.10 -23.60 -34.97
C GLY A 366 -9.08 -23.83 -33.47
N SER A 367 -7.96 -24.34 -32.95
CA SER A 367 -7.74 -24.61 -31.50
C SER A 367 -7.57 -23.33 -30.67
N LEU A 368 -7.38 -22.16 -31.28
CA LEU A 368 -7.10 -20.87 -30.58
C LEU A 368 -8.30 -19.92 -30.71
N ARG A 369 -8.75 -19.37 -29.58
CA ARG A 369 -9.66 -18.20 -29.54
C ARG A 369 -8.87 -17.00 -29.01
N THR A 370 -8.86 -15.89 -29.76
CA THR A 370 -7.94 -14.75 -29.50
C THR A 370 -8.70 -13.43 -29.48
N ALA A 371 -8.18 -12.48 -28.71
CA ALA A 371 -8.70 -11.10 -28.66
C ALA A 371 -7.52 -10.21 -28.26
N ALA A 372 -7.54 -8.93 -28.61
CA ALA A 372 -6.39 -8.04 -28.32
C ALA A 372 -6.91 -6.70 -27.81
N PHE A 373 -6.10 -6.06 -26.98
CA PHE A 373 -6.45 -4.81 -26.26
C PHE A 373 -5.23 -3.92 -26.18
N ARG A 374 -5.41 -2.64 -26.48
CA ARG A 374 -4.37 -1.60 -26.31
C ARG A 374 -4.71 -0.82 -25.05
N ASN A 375 -3.83 -0.89 -24.04
CA ASN A 375 -4.00 -0.20 -22.75
C ASN A 375 -3.71 1.30 -22.93
N GLU A 376 -4.20 2.12 -22.00
CA GLU A 376 -3.93 3.59 -21.99
C GLU A 376 -2.41 3.84 -21.97
N ASP A 377 -1.62 2.97 -21.34
CA ASP A 377 -0.14 3.12 -21.27
C ASP A 377 0.55 2.59 -22.53
N GLY A 378 -0.19 2.21 -23.58
CA GLY A 378 0.41 1.74 -24.84
C GLY A 378 0.74 0.24 -24.87
N SER A 379 0.78 -0.43 -23.72
CA SER A 379 0.96 -1.89 -23.65
C SER A 379 -0.20 -2.57 -24.40
N VAL A 380 0.13 -3.63 -25.14
CA VAL A 380 -0.86 -4.38 -25.95
C VAL A 380 -0.96 -5.80 -25.38
N ALA A 381 -2.13 -6.16 -24.87
CA ALA A 381 -2.39 -7.50 -24.29
C ALA A 381 -3.14 -8.33 -25.32
N VAL A 382 -2.67 -9.56 -25.54
CA VAL A 382 -3.25 -10.52 -26.52
C VAL A 382 -3.64 -11.77 -25.72
N VAL A 383 -4.94 -12.04 -25.70
CA VAL A 383 -5.54 -13.23 -25.05
C VAL A 383 -5.52 -14.38 -26.07
N VAL A 384 -5.10 -15.55 -25.60
CA VAL A 384 -5.14 -16.81 -26.38
C VAL A 384 -5.75 -17.89 -25.49
N ILE A 385 -6.93 -18.36 -25.84
CA ILE A 385 -7.56 -19.51 -25.17
C ILE A 385 -7.32 -20.71 -26.08
N ASN A 386 -6.52 -21.64 -25.60
CA ASN A 386 -6.02 -22.79 -26.40
C ASN A 386 -6.72 -24.07 -25.97
N SER A 387 -7.64 -24.60 -26.78
N SER A 387 -7.63 -24.57 -26.81
CA SER A 387 -8.38 -25.85 -26.51
CA SER A 387 -8.41 -25.82 -26.61
C SER A 387 -7.59 -27.09 -26.97
C SER A 387 -7.56 -27.06 -26.93
N GLY A 388 -6.43 -26.90 -27.60
CA GLY A 388 -5.60 -28.02 -28.11
C GLY A 388 -4.39 -28.30 -27.24
N GLY A 389 -3.37 -28.93 -27.83
CA GLY A 389 -2.08 -29.17 -27.15
C GLY A 389 -1.26 -27.88 -27.10
N ASP A 390 -0.08 -27.92 -26.51
CA ASP A 390 0.83 -26.75 -26.50
C ASP A 390 0.95 -26.21 -27.92
N ALA A 391 0.99 -24.87 -28.09
CA ALA A 391 0.97 -24.18 -29.40
C ALA A 391 2.00 -23.05 -29.42
N ALA A 392 3.04 -23.18 -30.24
CA ALA A 392 4.06 -22.12 -30.41
C ALA A 392 3.36 -20.98 -31.15
N VAL A 393 3.33 -19.81 -30.54
CA VAL A 393 2.66 -18.62 -31.13
C VAL A 393 3.67 -17.48 -31.25
N ASN A 394 3.59 -16.72 -32.34
CA ASN A 394 4.29 -15.43 -32.53
C ASN A 394 3.25 -14.32 -32.40
N VAL A 395 3.58 -13.25 -31.68
CA VAL A 395 2.68 -12.08 -31.53
C VAL A 395 3.42 -10.83 -32.02
N ARG A 396 2.81 -10.11 -32.96
CA ARG A 396 3.35 -8.85 -33.54
C ARG A 396 2.21 -7.84 -33.75
N LEU A 397 2.58 -6.57 -33.85
CA LEU A 397 1.67 -5.44 -34.16
C LEU A 397 1.82 -5.04 -35.63
N ALA A 398 0.78 -4.40 -36.15
CA ALA A 398 0.77 -3.55 -37.36
C ALA A 398 -0.06 -2.30 -37.01
N SER A 399 0.16 -1.19 -37.72
CA SER A 399 -0.72 0.01 -37.65
C SER A 399 -0.64 0.76 -38.98
N SER A 400 -1.67 1.57 -39.26
CA SER A 400 -1.74 2.58 -40.35
C SER A 400 -1.21 3.94 -39.84
N SER A 401 -0.93 4.07 -38.54
CA SER A 401 -0.40 5.29 -37.87
C SER A 401 1.11 5.18 -37.66
N SER A 402 1.90 6.17 -38.10
CA SER A 402 3.37 6.28 -37.85
C SER A 402 3.66 6.80 -36.43
N ALA A 403 2.63 7.27 -35.69
CA ALA A 403 2.67 7.66 -34.26
C ALA A 403 2.79 6.42 -33.36
N ASP A 404 2.28 5.28 -33.80
CA ASP A 404 2.41 3.98 -33.07
C ASP A 404 3.85 3.48 -33.20
N GLN A 405 4.57 3.46 -32.07
CA GLN A 405 5.98 3.03 -31.94
C GLN A 405 6.02 1.50 -31.80
N GLN A 406 7.11 0.85 -32.15
CA GLN A 406 7.26 -0.62 -31.98
C GLN A 406 7.45 -0.92 -30.49
N PRO A 407 7.00 -2.09 -30.00
CA PRO A 407 7.27 -2.51 -28.63
C PRO A 407 8.74 -2.88 -28.42
N ALA A 408 9.23 -2.78 -27.18
CA ALA A 408 10.64 -2.96 -26.78
C ALA A 408 10.82 -4.23 -25.94
N SER A 409 9.74 -4.79 -25.39
CA SER A 409 9.80 -6.02 -24.56
C SER A 409 8.44 -6.72 -24.55
N ALA A 410 8.42 -7.99 -24.13
CA ALA A 410 7.19 -8.80 -24.00
C ALA A 410 7.30 -9.71 -22.77
N LYS A 411 6.16 -10.00 -22.17
CA LYS A 411 6.02 -10.97 -21.05
C LYS A 411 4.74 -11.75 -21.36
N ALA A 412 4.57 -12.89 -20.71
CA ALA A 412 3.41 -13.79 -20.93
C ALA A 412 3.11 -14.54 -19.63
N TRP A 413 1.82 -14.74 -19.37
CA TRP A 413 1.28 -15.45 -18.20
C TRP A 413 0.20 -16.42 -18.67
N ALA A 414 0.09 -17.56 -17.99
CA ALA A 414 -0.90 -18.59 -18.31
C ALA A 414 -1.59 -19.06 -17.03
N THR A 415 -2.86 -19.41 -17.18
CA THR A 415 -3.63 -20.15 -16.17
C THR A 415 -4.09 -21.46 -16.81
N ASP A 416 -3.95 -22.56 -16.09
CA ASP A 416 -4.31 -23.92 -16.55
C ASP A 416 -4.41 -24.79 -15.30
N ASN A 417 -4.39 -26.10 -15.44
CA ASN A 417 -4.59 -27.02 -14.29
C ASN A 417 -3.43 -26.86 -13.31
N SER A 418 -2.25 -26.39 -13.72
CA SER A 418 -1.07 -26.30 -12.83
C SER A 418 -0.65 -24.85 -12.59
N ARG A 419 -1.18 -23.87 -13.31
CA ARG A 419 -0.71 -22.46 -13.21
C ARG A 419 -1.86 -21.52 -12.79
N ALA A 420 -1.58 -20.59 -11.86
CA ALA A 420 -2.49 -19.47 -11.51
C ALA A 420 -1.83 -18.15 -11.91
N ILE A 421 -2.16 -17.62 -13.09
CA ILE A 421 -1.54 -16.41 -13.72
C ILE A 421 -0.02 -16.49 -13.46
N GLU A 422 0.58 -17.58 -13.91
CA GLU A 422 2.03 -17.87 -13.74
C GLU A 422 2.77 -17.41 -14.99
N GLU A 423 3.87 -16.68 -14.79
CA GLU A 423 4.68 -16.16 -15.91
C GLU A 423 5.27 -17.35 -16.67
N ILE A 424 5.26 -17.29 -18.00
CA ILE A 424 5.94 -18.28 -18.88
C ILE A 424 6.89 -17.51 -19.79
N GLN A 425 7.76 -18.24 -20.48
CA GLN A 425 8.77 -17.63 -21.39
C GLN A 425 8.07 -16.88 -22.52
N ALA A 426 8.49 -15.63 -22.73
CA ALA A 426 8.16 -14.81 -23.91
C ALA A 426 9.47 -14.41 -24.59
N SER A 427 9.88 -15.16 -25.61
CA SER A 427 11.17 -14.90 -26.32
C SER A 427 10.92 -13.76 -27.30
N PHE A 428 11.48 -12.57 -27.03
CA PHE A 428 11.26 -11.33 -27.82
C PHE A 428 12.46 -11.07 -28.75
N ALA A 429 12.18 -10.68 -29.99
CA ALA A 429 13.18 -10.38 -31.06
C ALA A 429 12.56 -9.43 -32.09
N ASP A 430 12.98 -8.16 -32.08
CA ASP A 430 12.67 -7.14 -33.12
C ASP A 430 11.15 -6.98 -33.31
N GLY A 431 10.43 -6.75 -32.22
CA GLY A 431 9.01 -6.39 -32.26
C GLY A 431 8.09 -7.60 -32.21
N VAL A 432 8.63 -8.82 -32.27
CA VAL A 432 7.87 -10.10 -32.28
C VAL A 432 8.10 -10.84 -30.96
N ALA A 433 7.04 -11.28 -30.31
CA ALA A 433 7.12 -12.16 -29.11
C ALA A 433 6.83 -13.58 -29.57
N THR A 434 7.61 -14.55 -29.09
CA THR A 434 7.35 -15.99 -29.35
C THR A 434 7.10 -16.70 -28.01
N VAL A 435 5.96 -17.38 -27.94
CA VAL A 435 5.46 -17.98 -26.68
C VAL A 435 4.97 -19.41 -27.01
N ASN A 436 5.21 -20.33 -26.09
CA ASN A 436 4.64 -21.71 -26.14
C ASN A 436 3.36 -21.70 -25.31
N VAL A 437 2.20 -21.54 -25.95
CA VAL A 437 0.89 -21.43 -25.25
C VAL A 437 0.54 -22.81 -24.69
N PRO A 438 0.50 -23.00 -23.36
CA PRO A 438 0.22 -24.32 -22.79
C PRO A 438 -1.14 -24.87 -23.23
N SER A 439 -1.19 -26.21 -23.36
N SER A 439 -1.22 -26.19 -23.39
CA SER A 439 -2.39 -27.05 -23.53
CA SER A 439 -2.46 -26.93 -23.74
C SER A 439 -3.51 -26.61 -22.57
C SER A 439 -3.60 -26.58 -22.77
N ARG A 440 -4.74 -26.50 -23.08
N ARG A 440 -4.82 -26.46 -23.27
CA ARG A 440 -5.95 -26.26 -22.25
CA ARG A 440 -6.02 -26.16 -22.45
C ARG A 440 -5.70 -25.08 -21.32
C ARG A 440 -5.64 -25.13 -21.39
N SER A 441 -5.28 -23.93 -21.84
CA SER A 441 -4.93 -22.77 -21.00
C SER A 441 -5.59 -21.51 -21.56
N MET A 442 -5.64 -20.48 -20.72
CA MET A 442 -5.73 -19.09 -21.16
C MET A 442 -4.39 -18.43 -20.87
N THR A 443 -3.78 -17.95 -21.93
CA THR A 443 -2.45 -17.30 -21.91
C THR A 443 -2.69 -15.84 -22.31
N THR A 444 -1.99 -14.92 -21.66
CA THR A 444 -1.98 -13.52 -22.10
C THR A 444 -0.53 -13.13 -22.38
N VAL A 445 -0.30 -12.59 -23.57
CA VAL A 445 1.02 -12.06 -24.03
C VAL A 445 0.91 -10.54 -24.07
N VAL A 446 1.82 -9.82 -23.40
CA VAL A 446 1.77 -8.33 -23.36
C VAL A 446 3.06 -7.78 -23.99
N LEU A 447 2.89 -6.91 -24.97
CA LEU A 447 4.00 -6.20 -25.66
C LEU A 447 4.07 -4.78 -25.08
N TYR A 448 5.23 -4.35 -24.61
CA TYR A 448 5.41 -3.10 -23.82
C TYR A 448 6.29 -2.11 -24.58
N PRO A 449 5.84 -0.84 -24.68
CA PRO A 449 6.73 0.26 -25.08
C PRO A 449 7.84 0.36 -24.04
N ALA A 450 8.99 0.96 -24.40
CA ALA A 450 10.18 1.13 -23.52
C ALA A 450 9.90 2.16 -22.43
N ALA A 451 10.00 1.76 -21.15
CA ALA A 451 9.91 2.67 -19.98
C ALA A 451 11.18 3.56 -19.92
N ASP A 452 12.27 3.13 -20.56
CA ASP A 452 13.61 3.78 -20.56
C ASP A 452 13.95 4.38 -21.94
N THR B 3 7.02 17.27 43.32
CA THR B 3 6.36 16.31 42.39
C THR B 3 6.88 14.90 42.66
N THR B 4 5.99 13.92 42.75
CA THR B 4 6.35 12.48 42.86
C THR B 4 6.02 11.79 41.53
N LEU B 5 7.01 11.15 40.92
CA LEU B 5 6.85 10.34 39.70
C LEU B 5 6.85 8.88 40.11
N THR B 6 5.73 8.19 39.91
CA THR B 6 5.53 6.76 40.24
C THR B 6 5.61 5.92 38.96
N VAL B 7 6.56 4.98 38.88
CA VAL B 7 6.76 4.11 37.69
C VAL B 7 5.96 2.83 37.90
N ASP B 8 5.10 2.45 36.95
CA ASP B 8 4.32 1.20 37.01
C ASP B 8 4.92 0.21 36.00
N LEU B 9 5.80 -0.69 36.46
CA LEU B 9 6.48 -1.68 35.59
C LEU B 9 5.48 -2.70 35.03
N SER B 10 4.25 -2.76 35.55
CA SER B 10 3.23 -3.72 35.07
C SER B 10 2.55 -3.15 33.82
N THR B 11 2.70 -1.86 33.51
CA THR B 11 2.11 -1.27 32.28
C THR B 11 3.23 -0.98 31.28
N THR B 12 3.26 -1.71 30.16
CA THR B 12 4.42 -1.65 29.23
C THR B 12 3.97 -1.18 27.85
N TYR B 13 4.92 -0.63 27.10
CA TYR B 13 4.69 -0.16 25.71
C TYR B 13 5.73 -0.83 24.80
N GLN B 14 6.38 -0.03 23.95
CA GLN B 14 7.24 -0.53 22.86
C GLN B 14 8.63 -0.83 23.43
N ARG B 15 9.35 -1.70 22.72
CA ARG B 15 10.79 -1.93 22.95
C ARG B 15 11.55 -0.72 22.39
N ILE B 16 12.69 -0.37 22.98
CA ILE B 16 13.61 0.66 22.41
C ILE B 16 14.85 -0.04 21.86
N ASP B 17 15.06 0.05 20.55
CA ASP B 17 16.22 -0.56 19.84
C ASP B 17 17.42 0.39 19.91
N GLY B 18 17.18 1.69 19.98
CA GLY B 18 18.26 2.63 20.35
C GLY B 18 18.16 3.97 19.66
N PHE B 19 19.30 4.66 19.58
CA PHE B 19 19.43 6.06 19.12
C PHE B 19 20.68 6.13 18.23
N GLY B 20 20.65 6.97 17.21
CA GLY B 20 21.79 6.96 16.27
C GLY B 20 21.78 8.07 15.25
N THR B 21 22.62 7.89 14.22
CA THR B 21 22.87 8.87 13.14
C THR B 21 23.61 8.18 11.99
N SER B 22 23.91 8.94 10.94
CA SER B 22 24.62 8.50 9.72
C SER B 22 25.90 9.31 9.57
N GLU B 23 26.78 8.82 8.69
CA GLU B 23 27.97 9.54 8.17
C GLU B 23 28.01 9.29 6.66
N ALA B 24 26.84 9.20 6.04
CA ALA B 24 26.65 9.01 4.58
C ALA B 24 27.19 10.24 3.82
N PHE B 25 27.27 10.13 2.48
CA PHE B 25 27.58 11.27 1.57
C PHE B 25 28.92 11.90 1.97
N GLN B 26 29.88 11.04 2.32
CA GLN B 26 31.30 11.39 2.57
C GLN B 26 31.47 12.21 3.84
N ARG B 27 30.46 12.29 4.70
CA ARG B 27 30.64 12.85 6.07
C ARG B 27 31.67 12.01 6.83
N ALA B 28 31.65 10.68 6.65
CA ALA B 28 32.70 9.78 7.19
C ALA B 28 34.08 10.17 6.63
N VAL B 29 34.16 10.61 5.37
CA VAL B 29 35.46 11.02 4.75
C VAL B 29 35.95 12.25 5.50
N GLN B 30 35.04 13.18 5.79
CA GLN B 30 35.38 14.41 6.56
C GLN B 30 35.97 14.01 7.91
N MET B 31 35.36 13.04 8.59
CA MET B 31 35.89 12.54 9.87
C MET B 31 37.29 11.95 9.63
N SER B 32 37.50 11.21 8.53
CA SER B 32 38.76 10.45 8.28
C SER B 32 39.91 11.41 8.00
N ARG B 33 39.62 12.64 7.55
CA ARG B 33 40.65 13.66 7.24
C ARG B 33 41.14 14.36 8.51
N LEU B 34 40.46 14.21 9.65
CA LEU B 34 40.89 14.82 10.93
C LEU B 34 42.24 14.22 11.33
N PRO B 35 43.08 14.92 12.12
CA PRO B 35 44.23 14.28 12.78
C PRO B 35 43.72 13.15 13.68
N GLU B 36 44.60 12.24 14.07
CA GLU B 36 44.22 11.00 14.82
C GLU B 36 43.47 11.38 16.10
N GLU B 37 43.93 12.41 16.83
CA GLU B 37 43.28 12.90 18.09
C GLU B 37 41.83 13.32 17.81
N GLY B 38 41.64 14.08 16.74
CA GLY B 38 40.32 14.56 16.30
C GLY B 38 39.43 13.41 15.86
N GLN B 39 39.97 12.43 15.12
CA GLN B 39 39.21 11.21 14.71
C GLN B 39 38.64 10.55 15.96
N ARG B 40 39.50 10.31 16.95
CA ARG B 40 39.12 9.61 18.20
C ARG B 40 38.11 10.45 18.98
N ARG B 41 38.29 11.78 19.02
CA ARG B 41 37.36 12.66 19.76
C ARG B 41 35.97 12.57 19.10
N ALA B 42 35.91 12.56 17.77
CA ALA B 42 34.64 12.51 17.03
C ALA B 42 33.97 11.15 17.31
N LEU B 43 34.74 10.08 17.23
CA LEU B 43 34.21 8.71 17.53
C LEU B 43 33.71 8.64 18.97
N ASP B 44 34.48 9.15 19.93
CA ASP B 44 34.07 9.19 21.35
C ASP B 44 32.74 9.94 21.48
N VAL B 45 32.65 11.16 20.96
CA VAL B 45 31.46 12.01 21.24
C VAL B 45 30.22 11.32 20.68
N LEU B 46 30.31 10.57 19.57
CA LEU B 46 29.15 9.83 18.99
C LEU B 46 28.82 8.56 19.80
N PHE B 47 29.81 7.70 20.07
CA PHE B 47 29.56 6.30 20.49
C PHE B 47 29.97 6.00 21.95
N SER B 48 30.77 6.84 22.60
CA SER B 48 31.28 6.50 23.95
C SER B 48 30.13 6.59 24.96
N THR B 49 30.00 5.57 25.83
CA THR B 49 29.02 5.51 26.93
C THR B 49 29.59 6.13 28.21
N THR B 50 30.81 6.68 28.16
CA THR B 50 31.46 7.37 29.32
C THR B 50 31.63 8.86 29.06
N ASN B 51 32.03 9.28 27.85
CA ASN B 51 32.35 10.70 27.52
C ASN B 51 31.67 11.12 26.21
N GLY B 52 30.64 10.39 25.78
CA GLY B 52 29.92 10.73 24.53
C GLY B 52 28.43 10.53 24.66
N ALA B 53 27.74 10.46 23.53
CA ALA B 53 26.28 10.33 23.43
C ALA B 53 25.86 8.86 23.56
N GLY B 54 26.79 7.91 23.55
CA GLY B 54 26.45 6.48 23.66
C GLY B 54 25.46 6.03 22.59
N LEU B 55 25.64 6.52 21.36
CA LEU B 55 24.71 6.17 20.26
C LEU B 55 24.85 4.67 19.98
N SER B 56 23.72 3.99 19.79
CA SER B 56 23.62 2.50 19.76
C SER B 56 23.22 2.00 18.35
N ILE B 57 22.95 2.91 17.41
CA ILE B 57 22.59 2.54 16.01
C ILE B 57 23.41 3.41 15.07
N LEU B 58 23.93 2.81 14.01
CA LEU B 58 24.56 3.52 12.88
C LEU B 58 23.78 3.20 11.61
N ARG B 59 23.37 4.22 10.88
CA ARG B 59 22.74 4.12 9.54
C ARG B 59 23.80 4.49 8.50
N ASN B 60 24.09 3.56 7.57
CA ASN B 60 25.04 3.75 6.44
C ASN B 60 24.28 3.78 5.10
N GLY B 61 24.74 4.60 4.17
CA GLY B 61 24.25 4.63 2.78
C GLY B 61 24.87 3.52 1.95
N ILE B 62 24.08 2.76 1.20
CA ILE B 62 24.56 1.79 0.18
C ILE B 62 24.83 2.58 -1.11
N GLY B 63 26.09 3.02 -1.29
CA GLY B 63 26.49 3.95 -2.36
C GLY B 63 25.95 3.53 -3.73
N SER B 64 25.38 4.48 -4.47
CA SER B 64 24.71 4.21 -5.78
C SER B 64 25.53 4.80 -6.93
N SER B 65 26.53 5.63 -6.65
CA SER B 65 27.12 6.53 -7.65
C SER B 65 28.30 5.88 -8.38
N PRO B 66 28.57 6.26 -9.63
CA PRO B 66 29.70 5.70 -10.39
C PRO B 66 31.09 6.09 -9.83
N ASP B 67 31.17 7.12 -8.98
CA ASP B 67 32.45 7.62 -8.43
C ASP B 67 32.20 8.50 -7.20
N MET B 68 33.28 9.05 -6.63
CA MET B 68 33.25 9.85 -5.38
C MET B 68 33.32 11.34 -5.67
N SER B 69 32.96 11.76 -6.90
N SER B 69 32.99 11.78 -6.90
CA SER B 69 32.78 13.20 -7.28
CA SER B 69 32.87 13.22 -7.26
C SER B 69 31.90 13.90 -6.24
C SER B 69 31.90 13.90 -6.28
N SER B 70 32.13 15.19 -5.99
CA SER B 70 31.33 15.99 -5.03
C SER B 70 31.28 15.25 -3.67
N ASP B 71 30.09 14.93 -3.13
CA ASP B 71 29.93 14.18 -1.84
C ASP B 71 29.30 12.82 -2.12
N HIS B 72 29.40 12.35 -3.37
CA HIS B 72 28.75 11.11 -3.84
C HIS B 72 29.36 9.89 -3.13
N MET B 73 28.50 8.92 -2.83
CA MET B 73 28.92 7.61 -2.30
C MET B 73 29.12 6.65 -3.49
N VAL B 74 30.36 6.23 -3.77
CA VAL B 74 30.63 5.31 -4.91
C VAL B 74 30.00 3.95 -4.56
N SER B 75 29.40 3.32 -5.57
CA SER B 75 28.78 1.97 -5.51
C SER B 75 29.84 0.85 -5.46
N ILE B 76 29.50 -0.29 -4.85
CA ILE B 76 30.29 -1.55 -4.96
C ILE B 76 30.26 -2.08 -6.40
N ALA B 77 29.32 -1.65 -7.26
CA ALA B 77 29.23 -2.08 -8.68
C ALA B 77 28.93 -0.89 -9.60
N PRO B 78 29.89 0.05 -9.75
CA PRO B 78 29.65 1.32 -10.44
C PRO B 78 29.58 1.19 -11.97
N LYS B 79 30.10 0.11 -12.55
CA LYS B 79 30.06 -0.10 -14.03
C LYS B 79 29.00 -1.14 -14.39
N SER B 80 28.24 -0.86 -15.44
CA SER B 80 27.18 -1.78 -15.95
C SER B 80 27.83 -3.05 -16.47
N PRO B 81 27.22 -4.22 -16.21
CA PRO B 81 27.65 -5.48 -16.81
C PRO B 81 27.08 -5.69 -18.23
N GLY B 82 26.28 -4.74 -18.72
CA GLY B 82 25.75 -4.75 -20.09
C GLY B 82 24.34 -5.26 -20.12
N SER B 83 23.97 -6.16 -19.21
CA SER B 83 22.63 -6.76 -19.13
C SER B 83 22.38 -7.30 -17.74
N PRO B 84 21.10 -7.32 -17.29
CA PRO B 84 20.76 -7.86 -15.97
C PRO B 84 21.05 -9.35 -15.85
N ASN B 85 21.28 -10.02 -16.98
CA ASN B 85 21.48 -11.48 -17.04
C ASN B 85 22.98 -11.78 -17.20
N ASN B 86 23.86 -10.77 -17.13
CA ASN B 86 25.34 -10.94 -17.01
C ASN B 86 25.71 -10.75 -15.54
N PRO B 87 26.73 -11.46 -15.00
CA PRO B 87 27.18 -11.21 -13.62
C PRO B 87 27.53 -9.74 -13.39
N LEU B 88 27.17 -9.21 -12.22
CA LEU B 88 27.48 -7.82 -11.84
C LEU B 88 28.99 -7.72 -11.62
N ILE B 89 29.54 -6.56 -11.91
CA ILE B 89 31.00 -6.32 -11.80
C ILE B 89 31.22 -5.58 -10.48
N TYR B 90 31.66 -6.31 -9.46
CA TYR B 90 31.98 -5.77 -8.12
C TYR B 90 33.41 -5.23 -8.11
N SER B 91 33.62 -4.03 -7.58
CA SER B 91 34.95 -3.43 -7.38
C SER B 91 35.00 -2.78 -6.00
N TRP B 92 34.96 -3.65 -5.00
CA TRP B 92 35.01 -3.34 -3.55
C TRP B 92 36.32 -2.62 -3.27
N ASP B 93 36.22 -1.42 -2.70
CA ASP B 93 37.41 -0.57 -2.43
C ASP B 93 37.89 -0.73 -0.97
N GLY B 94 37.29 -1.63 -0.17
CA GLY B 94 37.61 -1.84 1.25
C GLY B 94 37.38 -0.63 2.15
N SER B 95 36.65 0.38 1.67
CA SER B 95 36.40 1.65 2.42
C SER B 95 34.89 1.97 2.50
N ASP B 96 34.14 1.83 1.41
CA ASP B 96 32.70 2.20 1.34
C ASP B 96 32.52 3.65 1.81
N ASN B 97 33.22 4.60 1.20
CA ASN B 97 33.02 6.05 1.47
C ASN B 97 33.30 6.34 2.94
N LYS B 98 34.31 5.63 3.48
CA LYS B 98 34.81 5.68 4.88
C LYS B 98 33.76 5.26 5.92
N GLN B 99 32.61 4.71 5.48
CA GLN B 99 31.57 4.20 6.41
C GLN B 99 32.01 2.87 7.07
N LEU B 100 32.85 2.08 6.40
CA LEU B 100 33.29 0.80 6.98
C LEU B 100 34.12 1.08 8.24
N TRP B 101 35.06 2.03 8.16
CA TRP B 101 35.92 2.45 9.30
C TRP B 101 35.03 2.93 10.46
N VAL B 102 34.04 3.80 10.20
CA VAL B 102 33.16 4.26 11.30
C VAL B 102 32.44 3.04 11.90
N SER B 103 31.97 2.11 11.06
CA SER B 103 31.24 0.89 11.48
C SER B 103 32.13 0.01 12.34
N GLN B 104 33.37 -0.22 11.91
CA GLN B 104 34.32 -1.11 12.63
C GLN B 104 34.63 -0.51 14.00
N GLU B 105 34.83 0.81 14.09
CA GLU B 105 35.02 1.53 15.36
C GLU B 105 33.75 1.40 16.23
N ALA B 106 32.57 1.70 15.67
CA ALA B 106 31.29 1.63 16.42
C ALA B 106 31.15 0.22 17.03
N VAL B 107 31.35 -0.82 16.22
CA VAL B 107 31.15 -2.25 16.62
C VAL B 107 32.27 -2.67 17.58
N HIS B 108 33.53 -2.59 17.15
CA HIS B 108 34.66 -3.25 17.87
C HIS B 108 35.20 -2.38 19.00
N THR B 109 35.15 -1.06 18.89
CA THR B 109 35.67 -0.15 19.94
C THR B 109 34.56 0.13 20.97
N TYR B 110 33.34 0.37 20.53
CA TYR B 110 32.29 0.97 21.37
C TYR B 110 31.13 0.01 21.61
N GLY B 111 31.16 -1.19 21.05
CA GLY B 111 30.16 -2.25 21.32
C GLY B 111 28.80 -2.01 20.65
N VAL B 112 28.72 -1.22 19.60
CA VAL B 112 27.47 -1.07 18.81
C VAL B 112 27.09 -2.40 18.13
N LYS B 113 25.82 -2.80 18.18
CA LYS B 113 25.37 -4.12 17.64
C LYS B 113 24.34 -3.93 16.54
N THR B 114 23.90 -2.69 16.26
CA THR B 114 22.82 -2.43 15.27
C THR B 114 23.39 -1.55 14.16
N ILE B 115 23.49 -2.10 12.95
CA ILE B 115 23.98 -1.43 11.72
C ILE B 115 22.87 -1.50 10.67
N TYR B 116 22.36 -0.35 10.29
CA TYR B 116 21.30 -0.21 9.27
C TYR B 116 21.90 0.33 7.96
N ALA B 117 21.91 -0.51 6.94
CA ALA B 117 22.36 -0.18 5.57
C ALA B 117 21.12 0.08 4.72
N ASP B 118 21.05 1.30 4.18
CA ASP B 118 19.92 1.81 3.39
C ASP B 118 20.45 2.36 2.06
N ALA B 119 19.84 1.95 0.95
CA ALA B 119 20.13 2.49 -0.40
C ALA B 119 19.16 3.63 -0.70
N TRP B 120 19.71 4.78 -1.11
CA TRP B 120 18.99 5.95 -1.67
C TRP B 120 18.54 5.63 -3.11
N SER B 121 19.28 4.77 -3.80
CA SER B 121 19.01 4.41 -5.21
C SER B 121 19.75 3.13 -5.57
N ALA B 122 19.21 2.39 -6.53
CA ALA B 122 19.95 1.35 -7.29
C ALA B 122 21.00 2.06 -8.17
N PRO B 123 22.06 1.39 -8.64
CA PRO B 123 22.93 2.02 -9.63
C PRO B 123 22.13 2.47 -10.87
N GLY B 124 22.57 3.54 -11.52
CA GLY B 124 21.87 4.15 -12.67
C GLY B 124 21.46 3.15 -13.74
N TYR B 125 22.33 2.18 -14.08
CA TYR B 125 22.14 1.23 -15.22
C TYR B 125 20.95 0.30 -14.94
N MET B 126 20.51 0.19 -13.69
CA MET B 126 19.34 -0.62 -13.30
C MET B 126 18.03 0.17 -13.41
N LYS B 127 18.05 1.46 -13.78
CA LYS B 127 16.91 2.38 -13.61
C LYS B 127 16.39 2.91 -14.94
N THR B 128 15.15 3.41 -14.93
CA THR B 128 14.41 3.86 -16.12
C THR B 128 15.09 5.09 -16.73
N ASN B 129 15.79 5.88 -15.90
CA ASN B 129 16.45 7.15 -16.32
C ASN B 129 17.97 6.96 -16.46
N GLY B 130 18.48 5.74 -16.21
CA GLY B 130 19.91 5.41 -16.40
C GLY B 130 20.86 6.22 -15.52
N ASN B 131 20.37 6.75 -14.40
CA ASN B 131 21.10 7.70 -13.50
C ASN B 131 20.68 7.37 -12.06
N ASP B 132 21.62 7.36 -11.10
CA ASP B 132 21.28 7.13 -9.67
C ASP B 132 20.67 8.39 -9.07
N ALA B 133 20.91 9.57 -9.66
CA ALA B 133 20.25 10.84 -9.27
C ALA B 133 18.97 11.07 -10.11
N ASN B 134 18.20 12.08 -9.73
CA ASN B 134 17.05 12.60 -10.53
C ASN B 134 15.95 11.55 -10.55
N GLY B 135 15.79 10.78 -9.47
CA GLY B 135 14.70 9.79 -9.33
C GLY B 135 14.75 8.72 -10.40
N GLY B 136 13.64 8.48 -11.12
CA GLY B 136 13.46 7.26 -11.94
C GLY B 136 13.20 6.06 -11.04
N THR B 137 12.92 4.90 -11.61
CA THR B 137 12.55 3.72 -10.82
C THR B 137 13.34 2.51 -11.30
N LEU B 138 13.29 1.43 -10.50
CA LEU B 138 13.98 0.15 -10.79
C LEU B 138 13.30 -0.51 -12.00
N CYS B 139 14.08 -0.73 -13.07
CA CYS B 139 13.67 -1.42 -14.32
C CYS B 139 13.20 -2.83 -13.96
N GLY B 140 12.00 -3.21 -14.42
CA GLY B 140 11.44 -4.56 -14.19
C GLY B 140 10.23 -4.54 -13.26
N LEU B 141 10.07 -3.49 -12.46
CA LEU B 141 8.87 -3.34 -11.59
C LEU B 141 7.64 -3.14 -12.47
N SER B 142 6.47 -3.44 -11.95
CA SER B 142 5.16 -3.09 -12.57
C SER B 142 5.17 -1.60 -12.89
N GLY B 143 4.87 -1.28 -14.15
CA GLY B 143 4.84 0.11 -14.64
C GLY B 143 6.20 0.56 -15.15
N ALA B 144 7.23 -0.29 -15.12
CA ALA B 144 8.60 0.10 -15.52
C ALA B 144 9.25 -1.02 -16.35
N GLN B 145 8.61 -1.45 -17.44
CA GLN B 145 9.16 -2.49 -18.36
C GLN B 145 10.19 -1.81 -19.28
N CYS B 146 11.48 -2.03 -19.04
CA CYS B 146 12.60 -1.35 -19.75
C CYS B 146 13.13 -2.20 -20.92
N ALA B 147 13.61 -1.53 -21.98
CA ALA B 147 14.33 -2.20 -23.09
C ALA B 147 15.64 -2.76 -22.56
N SER B 148 16.26 -2.13 -21.55
CA SER B 148 17.54 -2.60 -20.96
C SER B 148 17.33 -3.94 -20.24
N GLY B 149 16.08 -4.30 -19.89
CA GLY B 149 15.72 -5.59 -19.26
C GLY B 149 15.16 -5.42 -17.86
N ASP B 150 14.97 -6.53 -17.14
CA ASP B 150 14.41 -6.64 -15.77
C ASP B 150 15.54 -6.75 -14.75
N TRP B 151 15.79 -5.70 -13.96
CA TRP B 151 16.97 -5.65 -13.04
C TRP B 151 16.58 -5.97 -11.59
N ARG B 152 15.36 -6.47 -11.34
CA ARG B 152 14.85 -6.69 -9.97
C ARG B 152 15.76 -7.69 -9.25
N GLN B 153 16.01 -8.86 -9.86
CA GLN B 153 16.86 -9.90 -9.20
C GLN B 153 18.27 -9.35 -9.00
N ALA B 154 18.80 -8.62 -9.99
CA ALA B 154 20.19 -8.09 -9.96
C ALA B 154 20.33 -7.10 -8.79
N TYR B 155 19.30 -6.29 -8.55
CA TYR B 155 19.32 -5.32 -7.42
C TYR B 155 19.32 -6.10 -6.10
N ALA B 156 18.48 -7.13 -5.96
CA ALA B 156 18.44 -7.97 -4.75
C ALA B 156 19.81 -8.63 -4.54
N ASP B 157 20.44 -9.13 -5.61
CA ASP B 157 21.77 -9.80 -5.51
C ASP B 157 22.80 -8.76 -5.05
N TYR B 158 22.70 -7.53 -5.58
CA TYR B 158 23.64 -6.42 -5.31
C TYR B 158 23.60 -6.01 -3.83
N LEU B 159 22.37 -5.81 -3.30
CA LEU B 159 22.17 -5.48 -1.88
C LEU B 159 22.73 -6.62 -1.00
N THR B 160 22.46 -7.87 -1.38
CA THR B 160 22.98 -9.05 -0.64
C THR B 160 24.53 -9.01 -0.63
N LYS B 161 25.16 -8.64 -1.74
CA LYS B 161 26.63 -8.66 -1.88
C LYS B 161 27.23 -7.55 -1.00
N TYR B 162 26.60 -6.37 -0.97
CA TYR B 162 27.02 -5.27 -0.07
C TYR B 162 27.08 -5.80 1.36
N VAL B 163 26.01 -6.48 1.80
CA VAL B 163 25.95 -7.03 3.19
C VAL B 163 27.10 -8.05 3.37
N GLU B 164 27.41 -8.81 2.33
CA GLU B 164 28.51 -9.80 2.34
C GLU B 164 29.88 -9.09 2.43
N PHE B 165 30.10 -8.01 1.70
CA PHE B 165 31.40 -7.29 1.81
C PHE B 165 31.61 -6.79 3.25
N TYR B 166 30.57 -6.27 3.89
CA TYR B 166 30.60 -5.86 5.32
C TYR B 166 30.90 -7.07 6.22
N GLN B 167 30.23 -8.20 5.99
CA GLN B 167 30.44 -9.43 6.81
C GLN B 167 31.90 -9.85 6.73
N GLU B 168 32.45 -9.88 5.54
CA GLU B 168 33.86 -10.31 5.32
C GLU B 168 34.82 -9.25 5.87
N SER B 169 34.36 -8.03 6.18
CA SER B 169 35.18 -6.99 6.86
C SER B 169 34.84 -6.91 8.36
N ASN B 170 34.19 -7.95 8.91
CA ASN B 170 33.92 -8.14 10.36
C ASN B 170 32.88 -7.15 10.88
N VAL B 171 31.94 -6.74 10.05
CA VAL B 171 30.75 -5.93 10.51
C VAL B 171 29.50 -6.68 10.05
N THR B 172 28.59 -6.96 10.98
CA THR B 172 27.27 -7.55 10.67
C THR B 172 26.25 -6.44 10.42
N VAL B 173 25.77 -6.32 9.17
CA VAL B 173 24.56 -5.50 8.86
C VAL B 173 23.33 -6.20 9.45
N THR B 174 22.53 -5.52 10.27
CA THR B 174 21.40 -6.15 11.00
C THR B 174 20.07 -5.80 10.30
N HIS B 175 20.03 -4.68 9.58
CA HIS B 175 18.81 -4.12 8.97
C HIS B 175 19.19 -3.59 7.58
N LEU B 176 18.34 -3.86 6.59
CA LEU B 176 18.62 -3.58 5.17
C LEU B 176 17.43 -2.87 4.54
N GLY B 177 17.65 -1.64 4.07
CA GLY B 177 16.68 -0.83 3.32
C GLY B 177 17.12 -0.65 1.88
N PHE B 178 16.19 -0.57 0.94
CA PHE B 178 16.47 -0.63 -0.52
C PHE B 178 15.96 0.64 -1.23
N ILE B 179 15.29 1.53 -0.49
CA ILE B 179 14.79 2.84 -0.98
C ILE B 179 14.94 3.85 0.15
N ASN B 180 14.89 5.12 -0.21
CA ASN B 180 14.92 6.26 0.73
C ASN B 180 14.06 7.34 0.10
N ALA B 181 13.13 7.88 0.86
CA ALA B 181 12.28 9.00 0.41
C ALA B 181 11.73 8.64 -0.95
N PRO B 182 11.07 7.46 -1.09
CA PRO B 182 10.63 6.94 -2.39
C PRO B 182 9.56 7.82 -3.06
N GLU B 183 9.00 8.78 -2.30
CA GLU B 183 8.02 9.77 -2.84
C GLU B 183 8.77 10.97 -3.42
N LEU B 184 10.11 10.98 -3.42
CA LEU B 184 10.92 12.20 -3.69
C LEU B 184 11.92 11.98 -4.84
N THR B 185 11.86 12.85 -5.84
CA THR B 185 12.90 13.03 -6.88
C THR B 185 13.80 14.17 -6.43
N THR B 186 15.12 13.96 -6.41
CA THR B 186 16.12 14.98 -5.99
C THR B 186 17.25 15.01 -7.01
N SER B 187 18.11 16.01 -6.87
CA SER B 187 19.29 16.20 -7.74
C SER B 187 20.43 15.26 -7.29
N TYR B 188 20.27 14.55 -6.17
CA TYR B 188 21.29 13.59 -5.64
C TYR B 188 20.67 12.19 -5.73
N ALA B 189 21.34 11.17 -5.20
CA ALA B 189 20.83 9.78 -5.21
C ALA B 189 19.36 9.78 -4.76
N SER B 190 18.48 9.26 -5.62
CA SER B 190 17.02 9.22 -5.36
C SER B 190 16.39 8.17 -6.27
N MET B 191 15.27 7.58 -5.85
CA MET B 191 14.61 6.50 -6.63
C MET B 191 13.15 6.42 -6.16
N ARG B 192 12.22 6.53 -7.11
CA ARG B 192 10.75 6.56 -6.88
C ARG B 192 10.19 5.14 -6.85
N PHE B 193 9.60 4.73 -5.72
CA PHE B 193 8.78 3.51 -5.61
C PHE B 193 7.42 3.91 -5.01
N SER B 194 6.35 3.36 -5.56
CA SER B 194 5.01 3.29 -4.93
C SER B 194 5.06 2.25 -3.81
N ALA B 195 4.11 2.26 -2.89
CA ALA B 195 3.96 1.20 -1.88
C ALA B 195 3.86 -0.20 -2.54
N SER B 196 3.06 -0.33 -3.61
N SER B 196 3.07 -0.35 -3.61
CA SER B 196 2.84 -1.60 -4.34
CA SER B 196 2.87 -1.66 -4.28
C SER B 196 4.18 -2.12 -4.88
C SER B 196 4.19 -2.14 -4.91
N GLN B 197 5.02 -1.21 -5.39
CA GLN B 197 6.35 -1.54 -5.97
C GLN B 197 7.31 -1.99 -4.86
N ALA B 198 7.20 -1.37 -3.68
CA ALA B 198 8.00 -1.76 -2.50
C ALA B 198 7.61 -3.20 -2.12
N ALA B 199 6.32 -3.51 -2.03
CA ALA B 199 5.86 -4.88 -1.68
C ALA B 199 6.36 -5.87 -2.75
N GLU B 200 6.21 -5.54 -4.04
CA GLU B 200 6.70 -6.35 -5.19
C GLU B 200 8.17 -6.71 -4.99
N PHE B 201 9.01 -5.70 -4.72
CA PHE B 201 10.47 -5.91 -4.60
C PHE B 201 10.81 -6.68 -3.31
N ILE B 202 10.07 -6.50 -2.22
CA ILE B 202 10.30 -7.28 -0.97
C ILE B 202 10.10 -8.78 -1.29
N ARG B 203 9.14 -9.13 -2.14
CA ARG B 203 8.83 -10.55 -2.51
CA ARG B 203 8.84 -10.55 -2.50
C ARG B 203 10.03 -11.16 -3.23
N ILE B 204 10.89 -10.32 -3.83
CA ILE B 204 12.15 -10.76 -4.53
C ILE B 204 13.33 -10.68 -3.56
N LEU B 205 13.46 -9.60 -2.79
CA LEU B 205 14.64 -9.41 -1.91
C LEU B 205 14.64 -10.46 -0.78
N TYR B 206 13.48 -10.80 -0.21
CA TYR B 206 13.41 -11.68 0.97
C TYR B 206 13.98 -13.06 0.65
N PRO B 207 13.47 -13.81 -0.36
CA PRO B 207 14.03 -15.13 -0.69
C PRO B 207 15.50 -15.03 -1.10
N THR B 208 15.96 -13.94 -1.71
CA THR B 208 17.40 -13.74 -2.07
C THR B 208 18.25 -13.77 -0.79
N ILE B 209 17.81 -13.05 0.26
CA ILE B 209 18.51 -13.00 1.57
C ILE B 209 18.42 -14.39 2.20
N GLN B 210 17.25 -15.03 2.21
CA GLN B 210 17.04 -16.31 2.96
C GLN B 210 17.89 -17.43 2.32
N LYS B 211 18.07 -17.41 1.00
CA LYS B 211 18.83 -18.42 0.24
C LYS B 211 20.33 -18.10 0.26
N SER B 212 20.73 -16.89 0.67
CA SER B 212 22.13 -16.42 0.61
C SER B 212 22.99 -17.22 1.59
N ASN B 213 24.31 -17.04 1.50
CA ASN B 213 25.30 -17.65 2.42
C ASN B 213 25.66 -16.66 3.55
N LEU B 214 24.92 -15.56 3.73
CA LEU B 214 25.16 -14.60 4.84
C LEU B 214 25.06 -15.33 6.19
N THR B 215 26.00 -15.12 7.09
CA THR B 215 25.99 -15.73 8.44
C THR B 215 24.74 -15.24 9.19
N TYR B 216 24.48 -13.94 9.09
CA TYR B 216 23.30 -13.28 9.71
C TYR B 216 22.41 -12.71 8.62
N LYS B 217 21.17 -13.15 8.55
CA LYS B 217 20.21 -12.64 7.55
C LYS B 217 19.67 -11.30 8.04
N PRO B 218 19.96 -10.14 7.42
CA PRO B 218 19.43 -8.88 7.93
C PRO B 218 17.89 -8.83 7.81
N THR B 219 17.23 -8.13 8.75
CA THR B 219 15.80 -7.78 8.68
C THR B 219 15.59 -6.72 7.59
N ILE B 220 14.67 -6.97 6.67
CA ILE B 220 14.35 -5.96 5.64
C ILE B 220 13.49 -4.87 6.30
N ALA B 221 13.80 -3.62 5.98
CA ALA B 221 13.10 -2.42 6.42
C ALA B 221 12.43 -1.74 5.21
N CYS B 222 11.41 -0.93 5.48
CA CYS B 222 10.73 -0.09 4.46
C CYS B 222 10.00 1.04 5.18
N CYS B 223 9.92 2.24 4.59
CA CYS B 223 10.41 2.62 3.27
C CYS B 223 11.18 3.94 3.37
N ASP B 224 11.44 4.41 4.59
CA ASP B 224 12.14 5.71 4.80
C ASP B 224 11.39 6.82 4.07
N ALA B 225 10.04 6.80 4.13
CA ALA B 225 9.21 7.92 3.64
C ALA B 225 9.58 9.18 4.44
N GLU B 226 9.25 10.36 3.92
CA GLU B 226 9.74 11.65 4.49
C GLU B 226 8.93 12.03 5.76
N GLY B 227 7.90 11.27 6.12
CA GLY B 227 7.13 11.55 7.36
C GLY B 227 6.23 10.38 7.77
N TRP B 228 5.70 10.43 8.99
CA TRP B 228 4.74 9.43 9.55
C TRP B 228 3.54 9.30 8.61
N ASN B 229 2.94 10.42 8.16
CA ASN B 229 1.72 10.38 7.31
C ASN B 229 2.00 9.63 6.00
N SER B 230 3.11 9.94 5.33
CA SER B 230 3.48 9.34 4.03
C SER B 230 3.79 7.85 4.22
N GLN B 231 4.56 7.47 5.25
CA GLN B 231 4.87 6.04 5.51
C GLN B 231 3.58 5.29 5.89
N ALA B 232 2.71 5.88 6.72
CA ALA B 232 1.43 5.23 7.14
C ALA B 232 0.59 4.87 5.89
N GLY B 233 0.64 5.72 4.87
CA GLY B 233 -0.11 5.52 3.61
C GLY B 233 0.39 4.33 2.81
N MET B 234 1.60 3.85 3.08
CA MET B 234 2.20 2.70 2.36
C MET B 234 1.86 1.36 3.06
N LEU B 235 1.30 1.38 4.26
CA LEU B 235 1.18 0.16 5.11
C LEU B 235 0.13 -0.80 4.53
N GLY B 236 -0.95 -0.30 3.91
CA GLY B 236 -1.91 -1.19 3.22
C GLY B 236 -1.22 -2.15 2.26
N ALA B 237 -0.44 -1.63 1.32
CA ALA B 237 0.29 -2.44 0.31
C ALA B 237 1.37 -3.30 1.00
N LEU B 238 2.06 -2.76 2.00
CA LEU B 238 3.18 -3.46 2.68
C LEU B 238 2.64 -4.64 3.51
N SER B 239 1.44 -4.51 4.07
CA SER B 239 0.85 -5.54 4.96
C SER B 239 0.75 -6.88 4.24
N SER B 240 0.61 -6.86 2.92
CA SER B 240 0.67 -8.06 2.05
C SER B 240 1.97 -8.86 2.31
N VAL B 241 3.09 -8.18 2.60
CA VAL B 241 4.41 -8.87 2.72
C VAL B 241 4.92 -8.77 4.18
N ASN B 242 4.01 -8.72 5.16
CA ASN B 242 4.38 -8.59 6.60
C ASN B 242 5.28 -9.75 7.03
N SER B 243 5.15 -10.93 6.42
CA SER B 243 5.96 -12.12 6.75
C SER B 243 7.39 -12.03 6.18
N MET B 244 7.68 -11.05 5.34
CA MET B 244 8.95 -10.99 4.56
C MET B 244 9.75 -9.72 4.88
N PHE B 245 9.29 -8.86 5.79
CA PHE B 245 10.08 -7.70 6.30
C PHE B 245 9.75 -7.52 7.77
N GLY B 246 10.57 -6.77 8.51
CA GLY B 246 10.43 -6.74 9.98
C GLY B 246 10.63 -5.37 10.60
N LEU B 247 10.75 -4.33 9.78
CA LEU B 247 11.01 -2.98 10.33
C LEU B 247 10.35 -1.93 9.46
N VAL B 248 9.57 -1.04 10.09
CA VAL B 248 8.99 0.13 9.39
C VAL B 248 9.85 1.35 9.71
N THR B 249 10.19 2.13 8.71
CA THR B 249 11.11 3.31 8.84
C THR B 249 10.42 4.54 8.26
N ALA B 250 10.59 5.70 8.88
CA ALA B 250 10.11 6.98 8.36
C ALA B 250 10.94 8.13 8.95
N HIS B 251 10.96 9.23 8.23
CA HIS B 251 11.65 10.48 8.62
C HIS B 251 10.66 11.40 9.35
N ALA B 252 11.13 12.57 9.77
CA ALA B 252 10.31 13.60 10.45
C ALA B 252 10.44 14.93 9.71
N TYR B 253 10.24 14.93 8.40
CA TYR B 253 10.38 16.15 7.55
C TYR B 253 9.00 16.61 7.07
N THR B 254 8.23 15.76 6.39
CA THR B 254 6.93 16.18 5.78
C THR B 254 5.78 16.04 6.78
N SER B 255 5.97 15.33 7.90
CA SER B 255 5.00 15.29 9.03
C SER B 255 5.73 14.80 10.29
N GLN B 256 5.15 15.06 11.46
CA GLN B 256 5.80 14.75 12.75
C GLN B 256 5.34 13.38 13.24
N PRO B 257 6.22 12.63 13.95
CA PRO B 257 5.87 11.33 14.47
C PRO B 257 4.99 11.48 15.72
N GLY B 258 3.68 11.74 15.53
CA GLY B 258 2.78 12.09 16.64
C GLY B 258 1.61 11.13 16.77
N PHE B 259 1.63 9.98 16.12
CA PHE B 259 0.61 8.91 16.31
C PHE B 259 1.28 7.53 16.14
N SER B 260 0.64 6.49 16.65
CA SER B 260 1.07 5.08 16.49
C SER B 260 0.66 4.57 15.11
N MET B 261 1.61 4.19 14.28
CA MET B 261 1.31 3.55 12.98
C MET B 261 0.67 2.16 13.21
N ASN B 262 -0.30 1.82 12.37
CA ASN B 262 -0.98 0.50 12.37
C ASN B 262 -0.12 -0.53 11.61
N THR B 263 0.83 -1.16 12.30
CA THR B 263 1.72 -2.22 11.75
C THR B 263 2.13 -3.14 12.89
N PRO B 264 2.41 -4.44 12.65
CA PRO B 264 2.90 -5.32 13.70
C PRO B 264 4.40 -5.07 14.01
N HIS B 265 5.11 -4.38 13.12
CA HIS B 265 6.58 -4.29 13.18
C HIS B 265 6.98 -3.12 14.07
N PRO B 266 8.20 -3.14 14.65
CA PRO B 266 8.74 -1.94 15.27
C PRO B 266 8.83 -0.85 14.20
N VAL B 267 8.79 0.39 14.67
CA VAL B 267 8.86 1.61 13.81
C VAL B 267 10.07 2.41 14.28
N TRP B 268 10.95 2.77 13.35
CA TRP B 268 12.06 3.70 13.64
C TRP B 268 11.81 5.02 12.94
N MET B 269 12.08 6.10 13.65
CA MET B 269 12.29 7.44 13.07
C MET B 269 13.76 7.48 12.65
N THR B 270 14.05 7.28 11.36
CA THR B 270 15.43 7.01 10.85
C THR B 270 16.12 8.29 10.39
N GLU B 271 15.43 9.42 10.29
CA GLU B 271 16.11 10.68 9.91
C GLU B 271 15.31 11.92 10.28
N ALA B 272 15.96 12.85 10.98
CA ALA B 272 15.41 14.17 11.31
C ALA B 272 16.57 15.14 11.52
N ALA B 273 16.36 16.42 11.22
CA ALA B 273 17.38 17.45 11.43
C ALA B 273 16.81 18.82 11.07
N ASP B 274 17.40 19.87 11.64
CA ASP B 274 17.12 21.26 11.19
C ASP B 274 18.05 21.54 10.00
N LEU B 275 17.72 21.00 8.82
CA LEU B 275 18.68 20.81 7.68
C LEU B 275 19.30 22.14 7.25
N GLN B 276 18.48 23.20 7.14
CA GLN B 276 18.91 24.52 6.60
C GLN B 276 19.07 25.59 7.70
N GLY B 277 18.79 25.28 8.96
CA GLY B 277 18.84 26.27 10.06
C GLY B 277 20.28 26.69 10.35
N ALA B 278 20.51 27.99 10.60
CA ALA B 278 21.86 28.56 10.85
C ALA B 278 22.46 27.88 12.09
N TRP B 279 23.70 27.40 11.97
CA TRP B 279 24.36 26.67 13.08
C TRP B 279 24.12 27.35 14.43
N THR B 280 23.73 26.57 15.44
CA THR B 280 23.82 26.93 16.87
C THR B 280 24.26 25.70 17.66
N SER B 281 25.05 25.92 18.69
CA SER B 281 25.50 24.91 19.68
C SER B 281 24.62 24.97 20.92
N ALA B 282 23.66 25.90 20.98
CA ALA B 282 22.98 26.26 22.25
C ALA B 282 21.96 25.17 22.61
N TRP B 283 21.77 24.97 23.90
CA TRP B 283 20.69 24.16 24.50
C TRP B 283 19.36 24.93 24.44
N TYR B 284 19.30 26.13 25.04
CA TYR B 284 18.05 26.95 25.02
C TYR B 284 18.38 28.45 24.90
N SER B 285 17.66 29.10 23.99
CA SER B 285 17.72 30.55 23.71
C SER B 285 16.29 31.08 23.66
N TYR B 286 15.48 30.62 22.71
CA TYR B 286 14.03 30.93 22.64
C TYR B 286 13.20 29.78 22.10
N GLY B 287 13.71 28.53 22.06
CA GLY B 287 12.98 27.38 21.49
C GLY B 287 13.03 27.30 19.98
N GLY B 288 14.05 27.89 19.35
CA GLY B 288 14.30 27.75 17.91
C GLY B 288 14.56 26.32 17.44
N ALA B 289 14.42 26.11 16.13
CA ALA B 289 14.41 24.80 15.46
C ALA B 289 15.72 24.03 15.70
N GLY B 290 16.85 24.70 15.98
CA GLY B 290 18.19 24.06 16.09
C GLY B 290 18.65 23.85 17.53
N GLU B 291 17.88 24.30 18.52
CA GLU B 291 18.31 24.28 19.94
C GLU B 291 18.24 22.85 20.47
N GLY B 292 19.16 22.49 21.38
CA GLY B 292 19.21 21.21 22.11
C GLY B 292 17.88 20.88 22.78
N TRP B 293 17.32 21.84 23.49
CA TRP B 293 16.00 21.71 24.16
C TRP B 293 14.95 21.21 23.15
N THR B 294 14.86 21.86 22.01
CA THR B 294 13.88 21.50 20.95
C THR B 294 14.07 20.02 20.57
N TRP B 295 15.31 19.58 20.36
CA TRP B 295 15.64 18.19 19.94
C TRP B 295 15.38 17.17 21.06
N ALA B 296 15.63 17.51 22.33
CA ALA B 296 15.22 16.67 23.50
C ALA B 296 13.71 16.40 23.44
N ASN B 297 12.93 17.43 23.14
CA ASN B 297 11.44 17.37 22.99
C ASN B 297 11.06 16.63 21.69
N ASN B 298 11.79 16.78 20.58
CA ASN B 298 11.45 16.06 19.31
C ASN B 298 11.54 14.54 19.56
N VAL B 299 12.58 14.11 20.28
CA VAL B 299 12.77 12.67 20.57
C VAL B 299 11.62 12.20 21.47
N TYR B 300 11.31 12.98 22.51
CA TYR B 300 10.19 12.69 23.43
C TYR B 300 8.92 12.43 22.61
N ASN B 301 8.59 13.32 21.68
CA ASN B 301 7.35 13.24 20.85
C ASN B 301 7.37 11.92 20.05
N ALA B 302 8.49 11.62 19.35
CA ALA B 302 8.64 10.40 18.51
C ALA B 302 8.37 9.14 19.35
N ILE B 303 8.91 9.06 20.56
CA ILE B 303 8.86 7.82 21.41
C ILE B 303 7.48 7.71 22.07
N VAL B 304 7.00 8.79 22.69
CA VAL B 304 5.79 8.77 23.55
C VAL B 304 4.53 8.86 22.68
N ASN B 305 4.53 9.71 21.66
CA ASN B 305 3.33 9.97 20.82
C ASN B 305 3.43 9.17 19.52
N GLY B 306 4.63 8.97 19.00
CA GLY B 306 4.86 8.30 17.70
C GLY B 306 5.05 6.81 17.83
N ASN B 307 5.14 6.26 19.05
CA ASN B 307 5.46 4.84 19.32
C ASN B 307 6.74 4.38 18.59
N ALA B 308 7.72 5.27 18.40
CA ALA B 308 9.03 4.94 17.80
C ALA B 308 9.82 4.04 18.75
N SER B 309 10.47 3.00 18.20
CA SER B 309 11.42 2.13 18.91
C SER B 309 12.85 2.66 18.75
N ALA B 310 13.09 3.60 17.84
CA ALA B 310 14.46 4.16 17.67
C ALA B 310 14.33 5.54 17.06
N TYR B 311 15.37 6.34 17.24
CA TYR B 311 15.43 7.75 16.76
C TYR B 311 16.83 8.04 16.25
N LEU B 312 16.95 8.42 14.97
CA LEU B 312 18.25 8.70 14.31
C LEU B 312 18.23 10.15 13.81
N TYR B 313 19.11 11.01 14.35
CA TYR B 313 19.43 12.31 13.73
C TYR B 313 20.06 12.03 12.36
N TRP B 314 19.93 12.96 11.42
CA TRP B 314 20.49 12.81 10.04
C TRP B 314 21.99 12.51 10.11
N ILE B 315 22.83 13.48 10.43
CA ILE B 315 24.32 13.32 10.43
C ILE B 315 24.88 13.62 11.83
N GLY B 316 25.92 12.87 12.20
CA GLY B 316 26.68 13.07 13.45
C GLY B 316 27.64 14.22 13.26
N ALA B 317 28.82 13.93 12.72
CA ALA B 317 29.91 14.90 12.49
C ALA B 317 30.01 15.23 10.99
N GLN B 318 30.14 16.52 10.69
CA GLN B 318 30.25 17.07 9.33
C GLN B 318 30.81 18.48 9.45
N THR B 319 31.38 19.01 8.37
CA THR B 319 31.69 20.46 8.21
C THR B 319 30.38 21.21 7.92
N GLY B 320 30.43 22.53 7.85
CA GLY B 320 29.33 23.36 7.32
C GLY B 320 28.67 24.15 8.43
N ASN B 321 27.76 25.05 8.11
CA ASN B 321 27.22 26.00 9.11
C ASN B 321 25.69 25.91 9.16
N THR B 322 25.11 24.74 8.86
CA THR B 322 23.67 24.49 9.15
C THR B 322 23.57 23.37 10.18
N ASN B 323 22.39 23.24 10.78
CA ASN B 323 22.09 22.24 11.83
C ASN B 323 21.71 20.90 11.20
N SER B 324 22.25 20.57 10.01
CA SER B 324 22.01 19.25 9.37
C SER B 324 22.68 18.15 10.18
N HIS B 325 23.57 18.52 11.12
CA HIS B 325 24.46 17.58 11.85
C HIS B 325 24.53 17.99 13.32
N MET B 326 24.95 17.06 14.16
CA MET B 326 25.01 17.26 15.62
C MET B 326 26.38 17.81 16.03
N VAL B 327 27.42 17.56 15.27
CA VAL B 327 28.82 17.78 15.72
C VAL B 327 29.55 18.55 14.63
N HIS B 328 30.06 19.73 14.96
CA HIS B 328 30.86 20.57 14.03
C HIS B 328 32.29 20.02 13.87
N ILE B 329 32.72 19.77 12.63
CA ILE B 329 34.14 19.54 12.23
C ILE B 329 34.67 20.84 11.60
N ASP B 330 35.69 21.42 12.22
CA ASP B 330 36.55 22.48 11.60
C ASP B 330 37.71 21.76 10.90
N ALA B 331 37.64 21.64 9.57
CA ALA B 331 38.59 20.83 8.79
C ALA B 331 40.00 21.43 8.94
N ASN B 332 40.12 22.76 8.91
CA ASN B 332 41.44 23.45 8.93
C ASN B 332 42.08 23.27 10.31
N ALA B 333 41.33 23.63 11.35
CA ALA B 333 41.75 23.59 12.77
C ALA B 333 41.96 22.16 13.28
N GLY B 334 41.39 21.13 12.63
CA GLY B 334 41.38 19.74 13.12
C GLY B 334 40.58 19.55 14.43
N THR B 335 39.52 20.33 14.65
CA THR B 335 38.75 20.39 15.92
C THR B 335 37.33 19.81 15.73
N VAL B 336 36.74 19.35 16.83
CA VAL B 336 35.41 18.69 16.88
C VAL B 336 34.60 19.40 17.97
N GLU B 337 33.48 20.04 17.63
CA GLU B 337 32.68 20.84 18.60
C GLU B 337 31.28 20.26 18.61
N PRO B 338 30.90 19.46 19.62
CA PRO B 338 29.54 18.93 19.70
C PRO B 338 28.53 20.04 20.03
N SER B 339 27.41 20.08 19.31
CA SER B 339 26.26 20.97 19.65
C SER B 339 25.47 20.36 20.82
N LYS B 340 24.56 21.12 21.40
CA LYS B 340 23.68 20.59 22.47
C LYS B 340 22.62 19.67 21.86
N ARG B 341 22.49 19.58 20.52
CA ARG B 341 21.67 18.52 19.86
C ARG B 341 22.33 17.14 20.09
N LEU B 342 23.66 17.05 20.07
CA LEU B 342 24.33 15.76 20.37
C LEU B 342 24.02 15.34 21.81
N TRP B 343 24.21 16.27 22.76
CA TRP B 343 23.95 15.99 24.19
C TRP B 343 22.45 15.70 24.42
N ALA B 344 21.53 16.35 23.68
CA ALA B 344 20.09 15.98 23.73
C ALA B 344 19.89 14.49 23.41
N LEU B 345 20.49 14.01 22.31
CA LEU B 345 20.30 12.59 21.92
C LEU B 345 21.04 11.68 22.91
N GLY B 346 22.17 12.15 23.43
CA GLY B 346 22.95 11.41 24.43
C GLY B 346 22.22 11.29 25.75
N GLN B 347 21.51 12.34 26.15
CA GLN B 347 20.73 12.38 27.41
C GLN B 347 19.67 11.26 27.37
N TRP B 348 19.21 10.87 26.18
CA TRP B 348 18.37 9.66 25.99
C TRP B 348 19.24 8.39 25.93
N SER B 349 20.14 8.30 24.95
CA SER B 349 20.80 7.04 24.54
C SER B 349 21.71 6.50 25.66
N ARG B 350 22.32 7.36 26.47
CA ARG B 350 23.25 6.88 27.54
C ARG B 350 22.51 6.02 28.56
N PHE B 351 21.21 6.24 28.79
CA PHE B 351 20.45 5.63 29.93
C PHE B 351 19.35 4.69 29.43
N VAL B 352 18.92 4.84 28.19
CA VAL B 352 17.89 3.95 27.57
C VAL B 352 18.63 3.13 26.54
N ARG B 353 19.08 1.94 26.97
CA ARG B 353 19.94 1.05 26.17
C ARG B 353 19.05 0.13 25.33
N PRO B 354 19.61 -0.39 24.22
CA PRO B 354 18.91 -1.36 23.40
C PRO B 354 18.31 -2.47 24.27
N GLY B 355 17.08 -2.85 23.92
CA GLY B 355 16.31 -3.92 24.57
C GLY B 355 15.49 -3.36 25.72
N ALA B 356 15.56 -2.06 26.00
CA ALA B 356 14.75 -1.44 27.08
C ALA B 356 13.28 -1.51 26.65
N ARG B 357 12.38 -1.44 27.62
CA ARG B 357 10.93 -1.45 27.40
C ARG B 357 10.36 -0.18 28.02
N ARG B 358 9.61 0.59 27.25
CA ARG B 358 8.92 1.77 27.80
C ARG B 358 7.85 1.28 28.76
N VAL B 359 7.72 1.94 29.91
CA VAL B 359 6.78 1.58 31.00
C VAL B 359 6.03 2.83 31.41
N ALA B 360 4.88 2.66 32.09
CA ALA B 360 4.05 3.76 32.59
C ALA B 360 4.79 4.56 33.68
N VAL B 361 4.68 5.87 33.62
CA VAL B 361 5.02 6.77 34.75
C VAL B 361 3.91 7.82 34.86
N SER B 362 3.53 8.13 36.09
CA SER B 362 2.44 9.12 36.38
C SER B 362 2.91 10.07 37.48
N GLY B 363 2.30 11.26 37.49
CA GLY B 363 2.43 12.24 38.58
C GLY B 363 3.01 13.55 38.11
N ALA B 364 3.37 13.68 36.83
CA ALA B 364 4.05 14.88 36.30
C ALA B 364 3.13 16.11 36.40
N SER B 365 3.68 17.26 36.81
CA SER B 365 3.01 18.60 36.74
C SER B 365 3.10 19.14 35.31
N GLY B 366 2.47 20.30 35.07
CA GLY B 366 2.36 20.91 33.73
C GLY B 366 3.71 21.30 33.16
N SER B 367 4.68 21.69 33.99
CA SER B 367 6.03 22.12 33.53
C SER B 367 6.95 20.91 33.28
N LEU B 368 6.51 19.68 33.60
CA LEU B 368 7.34 18.45 33.48
C LEU B 368 6.73 17.49 32.45
N ARG B 369 7.50 17.10 31.43
CA ARG B 369 7.11 16.00 30.49
C ARG B 369 7.98 14.78 30.84
N THR B 370 7.35 13.64 31.10
CA THR B 370 8.06 12.48 31.71
C THR B 370 7.81 11.22 30.88
N ALA B 371 8.76 10.30 30.91
CA ALA B 371 8.63 8.96 30.31
C ALA B 371 9.55 8.04 31.11
N ALA B 372 9.28 6.74 31.10
CA ALA B 372 10.10 5.78 31.86
C ALA B 372 10.40 4.52 31.03
N PHE B 373 11.55 3.90 31.28
CA PHE B 373 12.09 2.74 30.54
C PHE B 373 12.78 1.77 31.50
N ARG B 374 12.48 0.48 31.37
CA ARG B 374 13.18 -0.59 32.12
C ARG B 374 14.20 -1.23 31.17
N ASN B 375 15.48 -1.10 31.49
CA ASN B 375 16.57 -1.72 30.70
C ASN B 375 16.56 -3.23 30.99
N GLU B 376 17.20 -3.99 30.12
CA GLU B 376 17.45 -5.46 30.26
C GLU B 376 18.11 -5.76 31.59
N ASP B 377 19.03 -4.91 32.03
CA ASP B 377 19.83 -5.10 33.25
C ASP B 377 18.99 -4.75 34.50
N GLY B 378 17.74 -4.33 34.35
CA GLY B 378 16.83 -3.99 35.46
C GLY B 378 16.89 -2.52 35.88
N SER B 379 17.85 -1.73 35.40
CA SER B 379 17.88 -0.27 35.69
C SER B 379 16.59 0.38 35.10
N VAL B 380 15.99 1.29 35.86
CA VAL B 380 14.78 2.05 35.44
C VAL B 380 15.21 3.50 35.25
N ALA B 381 15.16 3.98 34.00
CA ALA B 381 15.54 5.33 33.58
C ALA B 381 14.27 6.17 33.42
N VAL B 382 14.17 7.26 34.17
CA VAL B 382 12.99 8.16 34.16
C VAL B 382 13.48 9.48 33.56
N VAL B 383 12.94 9.82 32.39
CA VAL B 383 13.17 11.09 31.67
C VAL B 383 12.28 12.18 32.29
N VAL B 384 12.87 13.32 32.64
CA VAL B 384 12.16 14.54 33.11
C VAL B 384 12.61 15.71 32.25
N ILE B 385 11.73 16.20 31.38
CA ILE B 385 11.94 17.45 30.60
C ILE B 385 11.20 18.60 31.30
N ASN B 386 11.97 19.59 31.79
CA ASN B 386 11.47 20.66 32.70
C ASN B 386 11.50 22.01 31.99
N SER B 387 10.33 22.58 31.67
CA SER B 387 10.23 23.93 31.03
C SER B 387 10.14 25.04 32.09
N GLY B 388 10.10 24.69 33.38
CA GLY B 388 9.99 25.65 34.49
C GLY B 388 11.32 25.88 35.18
N GLY B 389 11.30 26.57 36.32
CA GLY B 389 12.47 26.75 37.21
C GLY B 389 12.84 25.42 37.85
N ASP B 390 13.93 25.40 38.61
CA ASP B 390 14.40 24.21 39.38
C ASP B 390 13.19 23.60 40.08
N ALA B 391 12.99 22.30 39.95
CA ALA B 391 11.83 21.56 40.50
C ALA B 391 12.35 20.35 41.29
N ALA B 392 11.99 20.27 42.58
CA ALA B 392 12.18 19.07 43.43
C ALA B 392 11.31 17.95 42.86
N VAL B 393 11.91 16.79 42.59
CA VAL B 393 11.16 15.65 42.01
C VAL B 393 11.58 14.38 42.76
N ASN B 394 10.59 13.64 43.25
CA ASN B 394 10.79 12.28 43.80
C ASN B 394 10.48 11.27 42.69
N VAL B 395 11.25 10.17 42.64
CA VAL B 395 11.08 9.07 41.65
C VAL B 395 11.06 7.75 42.42
N ARG B 396 10.00 6.95 42.22
CA ARG B 396 9.77 5.67 42.93
C ARG B 396 9.04 4.70 42.00
N LEU B 397 9.02 3.42 42.36
CA LEU B 397 8.16 2.38 41.70
C LEU B 397 6.81 2.29 42.43
N ALA B 398 5.78 1.73 41.76
CA ALA B 398 4.38 1.66 42.25
C ALA B 398 4.28 0.72 43.45
N GLN B 406 12.95 -3.52 42.82
CA GLN B 406 13.14 -2.74 44.08
C GLN B 406 14.55 -2.15 44.13
N PRO B 407 14.69 -0.84 43.86
CA PRO B 407 15.99 -0.21 43.71
C PRO B 407 16.75 -0.13 45.05
N ALA B 408 18.08 -0.25 45.01
CA ALA B 408 18.99 -0.06 46.17
C ALA B 408 19.79 1.24 46.06
N SER B 409 19.78 1.92 44.92
CA SER B 409 20.56 3.15 44.66
C SER B 409 19.93 3.93 43.50
N ALA B 410 20.38 5.17 43.33
CA ALA B 410 19.93 6.06 42.23
C ALA B 410 21.07 6.99 41.81
N LYS B 411 21.13 7.34 40.55
CA LYS B 411 22.00 8.43 40.04
C LYS B 411 21.14 9.32 39.16
N ALA B 412 21.63 10.51 38.84
CA ALA B 412 20.90 11.40 37.93
C ALA B 412 21.90 12.25 37.16
N TRP B 413 21.56 12.52 35.90
CA TRP B 413 22.34 13.36 34.96
C TRP B 413 21.39 14.36 34.31
N ALA B 414 21.90 15.56 34.04
CA ALA B 414 21.10 16.61 33.37
C ALA B 414 21.94 17.19 32.23
N THR B 415 21.22 17.69 31.23
CA THR B 415 21.73 18.54 30.14
C THR B 415 20.93 19.85 30.15
N ASP B 416 21.63 20.98 30.11
CA ASP B 416 20.98 22.32 30.05
C ASP B 416 22.00 23.28 29.44
N ASN B 417 21.82 24.58 29.66
CA ASN B 417 22.77 25.61 29.16
C ASN B 417 24.17 25.44 29.77
N SER B 418 24.31 24.88 30.98
CA SER B 418 25.64 24.78 31.66
C SER B 418 26.15 23.35 31.78
N ARG B 419 25.35 22.31 31.47
CA ARG B 419 25.67 20.88 31.69
C ARG B 419 25.56 20.09 30.38
N ALA B 420 26.53 19.20 30.11
CA ALA B 420 26.48 18.20 29.01
C ALA B 420 26.44 16.81 29.64
N ILE B 421 25.25 16.25 29.84
CA ILE B 421 25.02 14.92 30.52
C ILE B 421 25.89 14.86 31.77
N GLU B 422 25.76 15.86 32.64
CA GLU B 422 26.59 16.01 33.86
C GLU B 422 25.80 15.43 35.05
N GLU B 423 26.49 14.67 35.88
CA GLU B 423 25.87 14.05 37.07
C GLU B 423 25.36 15.17 37.98
N ILE B 424 24.18 14.99 38.57
CA ILE B 424 23.65 15.90 39.63
C ILE B 424 23.33 15.07 40.87
N GLN B 425 23.15 15.72 42.02
CA GLN B 425 22.88 15.00 43.30
C GLN B 425 21.58 14.20 43.16
N ALA B 426 21.63 12.94 43.57
CA ALA B 426 20.42 12.11 43.77
C ALA B 426 20.51 11.59 45.20
N SER B 427 19.55 11.95 46.05
CA SER B 427 19.35 11.33 47.37
C SER B 427 18.50 10.09 47.16
N PHE B 428 18.77 9.05 47.94
CA PHE B 428 17.98 7.81 47.94
C PHE B 428 17.60 7.43 49.37
N ALA B 429 16.31 7.27 49.66
CA ALA B 429 15.80 6.87 50.99
C ALA B 429 14.52 6.05 50.84
N ASP B 430 14.48 4.86 51.45
CA ASP B 430 13.31 3.94 51.51
C ASP B 430 12.73 3.79 50.10
N GLY B 431 13.58 3.52 49.10
CA GLY B 431 13.15 3.18 47.74
C GLY B 431 12.78 4.40 46.89
N VAL B 432 13.00 5.62 47.38
CA VAL B 432 12.64 6.88 46.68
C VAL B 432 13.92 7.67 46.37
N ALA B 433 14.15 7.98 45.10
CA ALA B 433 15.17 8.96 44.66
C ALA B 433 14.53 10.35 44.70
N THR B 434 15.30 11.34 45.15
CA THR B 434 14.92 12.77 45.18
C THR B 434 16.02 13.55 44.48
N VAL B 435 15.62 14.43 43.59
CA VAL B 435 16.53 15.16 42.69
C VAL B 435 15.98 16.58 42.55
N ASN B 436 16.86 17.57 42.48
CA ASN B 436 16.49 18.93 42.07
C ASN B 436 16.70 19.00 40.56
N VAL B 437 15.62 18.92 39.78
CA VAL B 437 15.67 18.93 38.30
C VAL B 437 15.94 20.37 37.87
N PRO B 438 17.11 20.68 37.27
CA PRO B 438 17.41 22.05 36.88
C PRO B 438 16.35 22.69 35.97
N SER B 439 16.26 24.01 36.07
CA SER B 439 15.49 24.90 35.17
C SER B 439 15.78 24.55 33.70
N ARG B 440 14.76 24.38 32.87
CA ARG B 440 14.90 24.28 31.39
C ARG B 440 15.96 23.22 31.06
N SER B 441 15.77 22.01 31.56
CA SER B 441 16.73 20.89 31.40
C SER B 441 15.99 19.64 30.94
N MET B 442 16.76 18.69 30.42
CA MET B 442 16.38 17.27 30.40
C MET B 442 17.23 16.56 31.44
N THR B 443 16.56 15.99 32.43
CA THR B 443 17.18 15.21 33.51
C THR B 443 16.74 13.77 33.31
N THR B 444 17.66 12.83 33.52
CA THR B 444 17.36 11.38 33.53
C THR B 444 17.72 10.88 34.92
N VAL B 445 16.76 10.32 35.63
CA VAL B 445 16.96 9.75 36.98
C VAL B 445 16.95 8.24 36.78
N VAL B 446 17.98 7.55 37.26
CA VAL B 446 18.10 6.07 37.08
C VAL B 446 18.07 5.39 38.45
N LEU B 447 17.14 4.45 38.61
CA LEU B 447 16.95 3.58 39.80
C LEU B 447 17.62 2.24 39.48
N TYR B 448 18.52 1.78 40.35
CA TYR B 448 19.35 0.57 40.10
C TYR B 448 18.99 -0.49 41.14
N PRO B 449 18.79 -1.75 40.73
CA PRO B 449 18.65 -2.85 41.69
C PRO B 449 19.97 -3.15 42.40
N ALA B 450 19.91 -3.97 43.46
CA ALA B 450 21.10 -4.53 44.15
C ALA B 450 21.84 -5.45 43.18
#